data_2BMO
#
_entry.id   2BMO
#
_cell.length_a   121.586
_cell.length_b   121.586
_cell.length_c   84.356
_cell.angle_alpha   90.00
_cell.angle_beta   90.00
_cell.angle_gamma   120.00
#
_symmetry.space_group_name_H-M   'P 63'
#
loop_
_entity.id
_entity.type
_entity.pdbx_description
1 polymer 'OXYGENASE-ALPHA NBDO'
2 polymer 'OXYGENASE-BETA NBDO'
3 non-polymer 'FE2/S2 (INORGANIC) CLUSTER'
4 non-polymer 'FE (III) ION'
5 non-polymer 1,2-ETHANEDIOL
6 non-polymer ETHANOL
7 non-polymer 'NICKEL (II) ION'
8 water water
#
loop_
_entity_poly.entity_id
_entity_poly.type
_entity_poly.pdbx_seq_one_letter_code
_entity_poly.pdbx_strand_id
1 'polypeptide(L)'
;MSYQNLVSEAGLTQKLLIHGDKELFQHELKTIFARNWLFLTHDSLIPSPGDYVKAKMGVDEVIVSRQNDGSVRAFLNVCR
HRGKTLVHAEAGNAKGFVCGYHGWGYGSNGELQSVPFEKELYGDAIKKKCLGLKEVPRIESFHGFIYGCFDAEAPPLIDY
LGDAAWYLEPTFKYSGGLELVGPPGKVVVKANWKSFAENFVGDGYHVGWTHAAALRAGQSVFSSIAGNAKLPPEGAGLQM
TSKYGSGMGVFWGYYSGNFSADMIPDLMAFGAAKQEKLAKEIGDVRARIYRSFLNGTIFPNNSFLTGSAAFRVWNPIDEN
TTEVWTYAFVEKDMPEDLKRRVADAVQRSIGPAGFWESDDNENMETMSQNGKKYQSSNIDQIASLGFGKDVYGDECYPGV
VGKSAIGETSYRGFYRAYQAHISSSNWAEFENASRNWHIEHTKTTDR
;
A
2 'polypeptide(L)'
;MMINTQEDKLVSAHDAEEFHRFFVGHDSDLQQEVTTLLTREAHLLDIQAYKAWLEHFVAPEIKYQVISRELRSTSERRYQ
LNDAVNLYNENYQQLKVRVEHQMDPQNWANNPKIRFTRFVTNVTAAKDKSAPEILHVRSNLILHRARRENQVDVFYATRE
DKWKRIEGGGIKLVERFVDYPERIPQTHNLLVFL
;
B
#
loop_
_chem_comp.id
_chem_comp.type
_chem_comp.name
_chem_comp.formula
EDO non-polymer 1,2-ETHANEDIOL 'C2 H6 O2'
EOH non-polymer ETHANOL 'C2 H6 O'
FE non-polymer 'FE (III) ION' 'Fe 3'
FES non-polymer 'FE2/S2 (INORGANIC) CLUSTER' 'Fe2 S2'
NI non-polymer 'NICKEL (II) ION' 'Ni 2'
#
# COMPACT_ATOMS: atom_id res chain seq x y z
N TYR A 3 16.86 -26.13 6.48
CA TYR A 3 16.26 -25.18 5.53
C TYR A 3 16.72 -25.45 4.10
N GLN A 4 17.49 -26.52 3.91
CA GLN A 4 18.14 -26.86 2.63
C GLN A 4 17.29 -27.26 1.46
N ASN A 5 16.20 -27.95 1.71
CA ASN A 5 15.37 -28.48 0.61
C ASN A 5 13.95 -27.93 0.53
N LEU A 6 13.80 -26.63 0.81
CA LEU A 6 12.48 -25.99 0.80
C LEU A 6 12.06 -25.54 -0.59
N VAL A 7 13.06 -25.23 -1.43
CA VAL A 7 12.86 -24.90 -2.84
C VAL A 7 13.69 -25.89 -3.67
N SER A 8 13.08 -26.48 -4.69
CA SER A 8 13.78 -27.45 -5.55
C SER A 8 14.69 -26.77 -6.58
N GLU A 9 15.46 -27.58 -7.31
CA GLU A 9 16.36 -27.09 -8.36
C GLU A 9 15.62 -26.21 -9.36
N ALA A 10 16.26 -25.11 -9.76
CA ALA A 10 15.70 -24.18 -10.73
C ALA A 10 14.47 -23.42 -10.21
N GLY A 11 14.25 -23.47 -8.90
CA GLY A 11 13.10 -22.81 -8.25
C GLY A 11 11.74 -23.35 -8.66
N LEU A 12 11.72 -24.61 -9.11
CA LEU A 12 10.53 -25.21 -9.73
C LEU A 12 9.40 -25.49 -8.75
N THR A 13 9.76 -25.87 -7.53
CA THR A 13 8.76 -26.15 -6.50
C THR A 13 9.16 -25.57 -5.16
N GLN A 14 8.15 -25.29 -4.34
CA GLN A 14 8.34 -24.75 -2.99
C GLN A 14 7.44 -25.50 -2.05
N LYS A 15 7.97 -25.87 -0.88
CA LYS A 15 7.11 -26.46 0.15
C LYS A 15 6.13 -25.41 0.65
N LEU A 16 4.85 -25.75 0.69
CA LEU A 16 3.82 -24.82 1.18
C LEU A 16 4.11 -24.32 2.61
N LEU A 17 4.79 -25.15 3.41
N LEU A 17 4.78 -25.17 3.40
CA LEU A 17 5.18 -24.81 4.77
CA LEU A 17 5.24 -24.86 4.75
C LEU A 17 5.90 -23.46 4.88
C LEU A 17 5.93 -23.49 4.88
N ILE A 18 6.61 -23.05 3.82
CA ILE A 18 7.37 -21.79 3.88
C ILE A 18 6.49 -20.59 4.19
N HIS A 19 5.20 -20.70 3.87
N HIS A 19 5.20 -20.70 3.84
CA HIS A 19 4.27 -19.59 4.10
CA HIS A 19 4.25 -19.60 4.06
C HIS A 19 3.59 -19.62 5.46
C HIS A 19 3.64 -19.58 5.47
N GLY A 20 3.97 -20.59 6.29
CA GLY A 20 3.37 -20.71 7.63
C GLY A 20 4.27 -21.07 8.80
N ASP A 21 5.54 -21.39 8.54
CA ASP A 21 6.42 -21.93 9.57
C ASP A 21 7.04 -20.83 10.44
N LYS A 22 6.83 -20.93 11.75
CA LYS A 22 7.30 -19.93 12.70
C LYS A 22 8.83 -19.82 12.78
N GLU A 23 9.51 -20.97 12.91
CA GLU A 23 10.96 -20.97 13.02
C GLU A 23 11.63 -20.41 11.76
N LEU A 24 11.06 -20.73 10.60
CA LEU A 24 11.58 -20.21 9.35
C LEU A 24 11.48 -18.67 9.29
N PHE A 25 10.37 -18.12 9.79
CA PHE A 25 10.23 -16.66 9.83
C PHE A 25 11.38 -16.02 10.63
N GLN A 26 11.68 -16.59 11.79
CA GLN A 26 12.80 -16.12 12.59
C GLN A 26 14.11 -16.17 11.81
N HIS A 27 14.29 -17.27 11.08
CA HIS A 27 15.48 -17.46 10.26
C HIS A 27 15.57 -16.44 9.13
N GLU A 28 14.42 -16.09 8.57
CA GLU A 28 14.35 -15.04 7.53
C GLU A 28 14.76 -13.69 8.06
N LEU A 29 14.45 -13.38 9.30
CA LEU A 29 14.88 -12.10 9.89
C LEU A 29 16.41 -12.01 9.90
N LYS A 30 17.09 -13.15 9.98
N LYS A 30 17.05 -13.14 10.21
CA LYS A 30 18.55 -13.21 9.88
CA LYS A 30 18.49 -13.20 10.45
C LYS A 30 19.10 -13.23 8.45
C LYS A 30 19.24 -13.27 9.14
N THR A 31 18.56 -14.10 7.60
N THR A 31 18.52 -13.56 8.06
CA THR A 31 19.15 -14.37 6.29
CA THR A 31 19.14 -13.78 6.78
C THR A 31 18.54 -13.59 5.12
C THR A 31 18.55 -12.80 5.78
N ILE A 32 17.34 -13.06 5.32
CA ILE A 32 16.67 -12.23 4.31
C ILE A 32 16.68 -10.75 4.70
N PHE A 33 16.09 -10.43 5.84
CA PHE A 33 15.89 -9.03 6.22
C PHE A 33 17.12 -8.36 6.79
N ALA A 34 18.04 -9.14 7.33
CA ALA A 34 19.28 -8.58 7.85
C ALA A 34 20.34 -8.33 6.78
N ARG A 35 20.08 -8.84 5.57
CA ARG A 35 21.10 -8.95 4.54
C ARG A 35 20.80 -8.16 3.27
N ASN A 36 19.51 -8.03 2.93
CA ASN A 36 19.09 -7.50 1.64
C ASN A 36 18.70 -6.03 1.67
N TRP A 37 18.56 -5.43 0.49
CA TRP A 37 18.12 -4.05 0.37
C TRP A 37 16.60 -3.97 0.57
N LEU A 38 16.19 -3.02 1.40
CA LEU A 38 14.80 -2.88 1.82
C LEU A 38 14.35 -1.45 1.54
N PHE A 39 13.16 -1.31 0.99
CA PHE A 39 12.69 0.01 0.59
C PHE A 39 12.37 0.88 1.78
N LEU A 40 12.83 2.13 1.77
CA LEU A 40 12.58 3.08 2.85
C LEU A 40 11.57 4.15 2.45
N THR A 41 11.93 4.98 1.47
CA THR A 41 11.10 6.11 1.11
C THR A 41 11.55 6.68 -0.23
N HIS A 42 10.88 7.72 -0.69
CA HIS A 42 11.30 8.44 -1.88
C HIS A 42 11.73 9.84 -1.47
N ASP A 43 12.66 10.41 -2.24
CA ASP A 43 13.05 11.81 -2.06
C ASP A 43 11.86 12.72 -1.86
N SER A 44 10.78 12.50 -2.62
CA SER A 44 9.61 13.38 -2.59
C SER A 44 8.82 13.36 -1.28
N LEU A 45 9.08 12.38 -0.43
CA LEU A 45 8.45 12.31 0.90
C LEU A 45 9.30 12.91 2.01
N ILE A 46 10.60 13.08 1.75
CA ILE A 46 11.50 13.78 2.67
C ILE A 46 12.27 14.86 1.90
N PRO A 47 11.55 15.79 1.25
CA PRO A 47 12.22 16.69 0.31
C PRO A 47 13.07 17.79 0.92
N SER A 48 12.90 18.12 2.19
CA SER A 48 13.58 19.28 2.77
C SER A 48 14.39 18.88 4.00
N PRO A 49 15.45 19.65 4.33
CA PRO A 49 16.24 19.33 5.52
C PRO A 49 15.41 19.23 6.79
N GLY A 50 15.65 18.16 7.53
CA GLY A 50 14.88 17.88 8.74
C GLY A 50 13.67 17.01 8.51
N ASP A 51 13.23 16.83 7.27
CA ASP A 51 12.09 15.95 7.01
C ASP A 51 12.48 14.53 7.35
N TYR A 52 11.53 13.80 7.93
CA TYR A 52 11.75 12.39 8.25
C TYR A 52 10.48 11.60 8.00
N VAL A 53 10.68 10.31 7.77
CA VAL A 53 9.61 9.33 7.83
C VAL A 53 10.05 8.16 8.70
N LYS A 54 9.07 7.52 9.33
N LYS A 54 9.07 7.44 9.22
CA LYS A 54 9.30 6.21 9.91
CA LYS A 54 9.33 6.25 10.02
C LYS A 54 9.15 5.21 8.79
C LYS A 54 8.99 5.02 9.16
N ALA A 55 10.00 4.20 8.82
CA ALA A 55 9.85 3.07 7.93
C ALA A 55 10.13 1.79 8.69
N LYS A 56 9.68 0.67 8.16
N LYS A 56 9.65 0.67 8.16
CA LYS A 56 10.06 -0.63 8.70
CA LYS A 56 10.06 -0.62 8.66
C LYS A 56 11.13 -1.26 7.81
C LYS A 56 11.25 -1.11 7.82
N MET A 57 12.08 -1.93 8.45
CA MET A 57 13.06 -2.75 7.75
C MET A 57 12.93 -4.13 8.36
N GLY A 58 12.22 -5.02 7.69
CA GLY A 58 11.80 -6.25 8.36
C GLY A 58 10.85 -5.91 9.50
N VAL A 59 11.14 -6.42 10.70
CA VAL A 59 10.30 -6.13 11.89
C VAL A 59 10.78 -4.89 12.64
N ASP A 60 11.94 -4.36 12.27
CA ASP A 60 12.51 -3.22 12.98
C ASP A 60 11.99 -1.93 12.40
N GLU A 61 12.00 -0.87 13.20
CA GLU A 61 11.58 0.44 12.74
C GLU A 61 12.75 1.40 12.72
N VAL A 62 12.81 2.18 11.64
CA VAL A 62 13.88 3.14 11.46
C VAL A 62 13.32 4.54 11.19
N ILE A 63 14.09 5.54 11.63
CA ILE A 63 13.83 6.93 11.32
C ILE A 63 14.72 7.27 10.11
N VAL A 64 14.10 7.75 9.03
CA VAL A 64 14.81 8.05 7.80
C VAL A 64 14.76 9.56 7.65
N SER A 65 15.94 10.22 7.75
CA SER A 65 16.00 11.67 7.94
C SER A 65 16.83 12.38 6.87
N ARG A 66 16.25 13.42 6.29
CA ARG A 66 16.99 14.31 5.39
C ARG A 66 17.92 15.20 6.20
N GLN A 67 19.21 15.05 5.91
CA GLN A 67 20.27 15.76 6.61
C GLN A 67 20.39 17.19 6.09
N ASN A 68 21.05 18.03 6.90
CA ASN A 68 21.28 19.42 6.52
C ASN A 68 22.09 19.57 5.23
N ASP A 69 22.96 18.61 4.95
CA ASP A 69 23.76 18.68 3.72
C ASP A 69 23.08 18.05 2.51
N GLY A 70 21.83 17.61 2.67
CA GLY A 70 21.04 17.08 1.57
C GLY A 70 21.09 15.57 1.46
N SER A 71 21.96 14.92 2.23
CA SER A 71 22.03 13.47 2.23
C SER A 71 20.91 12.89 3.09
N VAL A 72 20.83 11.56 3.11
CA VAL A 72 19.82 10.86 3.89
C VAL A 72 20.53 9.83 4.77
N ARG A 73 20.16 9.81 6.05
CA ARG A 73 20.66 8.80 6.99
C ARG A 73 19.47 8.16 7.67
N ALA A 74 19.61 6.93 8.12
CA ALA A 74 18.53 6.23 8.82
C ALA A 74 19.05 5.55 10.06
N PHE A 75 18.22 5.50 11.10
CA PHE A 75 18.63 4.99 12.41
C PHE A 75 17.52 4.15 13.01
N LEU A 76 17.90 3.10 13.74
CA LEU A 76 16.89 2.36 14.51
C LEU A 76 16.18 3.30 15.47
N ASN A 77 14.86 3.15 15.55
CA ASN A 77 14.01 4.06 16.34
C ASN A 77 13.99 3.67 17.82
N VAL A 78 15.16 3.72 18.44
CA VAL A 78 15.38 3.16 19.77
C VAL A 78 16.40 4.01 20.51
N CYS A 79 16.01 4.50 21.68
CA CYS A 79 16.92 5.27 22.51
C CYS A 79 18.06 4.39 23.07
N ARG A 80 19.27 4.95 23.11
CA ARG A 80 20.45 4.24 23.59
C ARG A 80 20.58 4.18 25.11
N HIS A 81 19.64 4.80 25.83
CA HIS A 81 19.67 4.75 27.29
C HIS A 81 18.98 3.49 27.82
N ARG A 82 17.65 3.45 27.79
CA ARG A 82 16.91 2.27 28.25
C ARG A 82 16.09 1.60 27.15
N GLY A 83 16.23 2.08 25.91
CA GLY A 83 15.63 1.37 24.78
C GLY A 83 14.20 1.71 24.42
N LYS A 84 13.70 2.83 24.95
CA LYS A 84 12.39 3.33 24.56
C LYS A 84 12.35 3.72 23.07
N THR A 85 11.20 3.51 22.43
CA THR A 85 10.99 4.03 21.07
C THR A 85 11.07 5.54 21.09
N LEU A 86 11.80 6.09 20.13
N LEU A 86 11.85 6.12 20.17
CA LEU A 86 12.12 7.50 20.14
CA LEU A 86 12.04 7.56 20.16
C LEU A 86 11.05 8.38 19.47
C LEU A 86 10.91 8.33 19.53
N VAL A 87 10.56 7.94 18.31
CA VAL A 87 9.62 8.70 17.47
C VAL A 87 8.34 7.92 17.28
N HIS A 88 7.20 8.60 17.45
CA HIS A 88 5.88 8.00 17.27
C HIS A 88 5.09 8.55 16.08
N ALA A 89 5.47 9.71 15.55
CA ALA A 89 4.84 10.22 14.34
C ALA A 89 5.34 9.41 13.14
N GLU A 90 4.50 9.28 12.13
N GLU A 90 4.50 9.28 12.13
CA GLU A 90 4.87 8.55 10.91
CA GLU A 90 4.87 8.55 10.91
C GLU A 90 5.74 9.36 9.95
C GLU A 90 5.79 9.36 10.00
N ALA A 91 5.67 10.68 10.06
CA ALA A 91 6.44 11.60 9.21
C ALA A 91 6.42 12.95 9.88
N GLY A 92 7.39 13.80 9.55
CA GLY A 92 7.41 15.15 10.07
C GLY A 92 8.66 15.88 9.68
N ASN A 93 8.92 16.98 10.38
CA ASN A 93 10.14 17.74 10.20
C ASN A 93 10.68 18.08 11.57
N ALA A 94 11.96 17.76 11.79
CA ALA A 94 12.60 18.05 13.07
C ALA A 94 14.11 18.04 12.92
N LYS A 95 14.76 18.91 13.69
N LYS A 95 14.80 18.91 13.66
CA LYS A 95 16.21 19.04 13.72
CA LYS A 95 16.26 18.91 13.61
C LYS A 95 16.84 18.09 14.73
C LYS A 95 16.85 17.93 14.63
N GLY A 96 16.00 17.42 15.50
CA GLY A 96 16.46 16.50 16.52
C GLY A 96 15.26 15.74 17.05
N PHE A 97 15.55 14.73 17.87
CA PHE A 97 14.56 13.83 18.45
C PHE A 97 14.88 13.67 19.92
N VAL A 98 13.93 14.05 20.77
CA VAL A 98 14.08 13.94 22.22
C VAL A 98 13.31 12.72 22.73
N CYS A 99 13.97 11.93 23.57
CA CYS A 99 13.34 10.78 24.18
C CYS A 99 12.44 11.19 25.34
N GLY A 100 11.19 10.76 25.30
CA GLY A 100 10.23 11.13 26.33
C GLY A 100 10.41 10.49 27.69
N TYR A 101 11.33 9.54 27.82
CA TYR A 101 11.49 8.85 29.11
C TYR A 101 12.31 9.73 30.07
N HIS A 102 13.58 9.98 29.74
CA HIS A 102 14.46 10.79 30.60
C HIS A 102 14.94 12.08 29.96
N GLY A 103 14.67 12.27 28.67
CA GLY A 103 14.96 13.53 28.00
C GLY A 103 16.24 13.60 27.22
N TRP A 104 16.87 12.47 26.93
CA TRP A 104 18.06 12.49 26.06
C TRP A 104 17.65 13.05 24.69
N GLY A 105 18.47 13.95 24.16
CA GLY A 105 18.18 14.61 22.89
C GLY A 105 19.21 14.27 21.84
N TYR A 106 18.73 13.76 20.70
CA TYR A 106 19.58 13.37 19.59
C TYR A 106 19.40 14.34 18.44
N GLY A 107 20.43 14.50 17.64
CA GLY A 107 20.29 15.25 16.40
C GLY A 107 19.62 14.42 15.32
N SER A 108 19.20 15.08 14.25
CA SER A 108 18.69 14.38 13.06
C SER A 108 19.80 13.57 12.38
N ASN A 109 21.04 13.82 12.80
CA ASN A 109 22.20 13.01 12.39
C ASN A 109 22.49 11.83 13.33
N GLY A 110 21.57 11.57 14.25
CA GLY A 110 21.70 10.44 15.17
C GLY A 110 22.61 10.66 16.36
N GLU A 111 23.32 11.78 16.41
CA GLU A 111 24.27 12.03 17.50
C GLU A 111 23.56 12.38 18.80
N LEU A 112 24.06 11.83 19.91
CA LEU A 112 23.54 12.20 21.21
C LEU A 112 24.07 13.59 21.55
N GLN A 113 23.18 14.57 21.65
CA GLN A 113 23.56 15.97 21.83
C GLN A 113 23.34 16.50 23.24
N SER A 114 22.22 16.13 23.85
CA SER A 114 21.88 16.66 25.16
C SER A 114 21.43 15.55 26.11
N VAL A 115 21.94 15.64 27.33
CA VAL A 115 21.64 14.66 28.36
C VAL A 115 21.29 15.45 29.62
N PRO A 116 20.02 15.42 30.06
CA PRO A 116 19.67 16.13 31.30
C PRO A 116 20.49 15.63 32.47
N PHE A 117 20.92 16.57 33.33
CA PHE A 117 21.80 16.30 34.47
C PHE A 117 23.19 15.77 34.09
N GLU A 118 23.64 16.06 32.86
CA GLU A 118 24.97 15.60 32.44
C GLU A 118 26.07 16.14 33.38
N LYS A 119 26.08 17.45 33.61
CA LYS A 119 27.08 18.09 34.44
C LYS A 119 26.95 17.68 35.91
N GLU A 120 25.72 17.66 36.42
CA GLU A 120 25.47 17.43 37.84
C GLU A 120 25.69 15.97 38.24
N LEU A 121 25.33 15.03 37.37
CA LEU A 121 25.29 13.62 37.77
C LEU A 121 26.14 12.66 36.96
N TYR A 122 26.31 12.92 35.67
CA TYR A 122 27.11 12.02 34.84
C TYR A 122 28.59 12.34 34.87
N GLY A 123 28.95 13.59 34.58
CA GLY A 123 30.37 13.97 34.46
C GLY A 123 31.03 13.09 33.42
N ASP A 124 32.15 12.45 33.80
CA ASP A 124 32.91 11.60 32.89
C ASP A 124 32.41 10.15 32.82
N ALA A 125 31.30 9.87 33.49
CA ALA A 125 30.67 8.55 33.44
C ALA A 125 29.86 8.36 32.16
N ILE A 126 29.77 9.40 31.35
CA ILE A 126 29.11 9.32 30.04
C ILE A 126 30.03 9.80 28.92
N LYS A 127 30.02 9.06 27.81
CA LYS A 127 30.67 9.47 26.57
C LYS A 127 29.62 9.49 25.46
N LYS A 128 29.12 10.69 25.17
N LYS A 128 29.13 10.68 25.17
CA LYS A 128 28.02 10.84 24.22
CA LYS A 128 28.02 10.84 24.22
C LYS A 128 28.35 10.33 22.81
C LYS A 128 28.34 10.35 22.80
N LYS A 129 29.62 10.42 22.41
CA LYS A 129 30.06 9.91 21.11
C LYS A 129 29.86 8.41 20.93
N CYS A 130 29.73 7.69 22.05
CA CYS A 130 29.53 6.24 22.04
C CYS A 130 28.06 5.84 22.11
N LEU A 131 27.17 6.84 22.16
CA LEU A 131 25.76 6.61 22.43
C LEU A 131 24.84 7.22 21.37
N GLY A 132 25.36 7.37 20.15
CA GLY A 132 24.53 7.80 19.03
C GLY A 132 23.55 6.69 18.64
N LEU A 133 22.48 7.07 17.95
CA LEU A 133 21.49 6.09 17.51
C LEU A 133 22.16 5.04 16.62
N LYS A 134 21.68 3.81 16.69
CA LYS A 134 22.22 2.73 15.86
C LYS A 134 21.87 2.98 14.40
N GLU A 135 22.88 3.20 13.57
CA GLU A 135 22.67 3.65 12.20
C GLU A 135 22.56 2.47 11.22
N VAL A 136 21.70 2.64 10.22
CA VAL A 136 21.65 1.74 9.09
C VAL A 136 22.89 2.04 8.23
N PRO A 137 23.80 1.05 8.05
CA PRO A 137 25.10 1.35 7.45
C PRO A 137 25.12 1.61 5.95
N ARG A 138 24.08 1.17 5.24
CA ARG A 138 24.01 1.32 3.79
C ARG A 138 22.70 1.98 3.37
N ILE A 139 22.80 3.10 2.69
CA ILE A 139 21.66 3.86 2.18
C ILE A 139 21.99 4.27 0.76
N GLU A 140 21.20 3.82 -0.20
CA GLU A 140 21.44 4.12 -1.61
C GLU A 140 20.10 4.37 -2.30
N SER A 141 20.14 5.00 -3.46
N SER A 141 20.16 4.99 -3.47
CA SER A 141 18.90 5.23 -4.15
CA SER A 141 18.97 5.48 -4.18
C SER A 141 18.97 4.80 -5.60
C SER A 141 18.95 5.06 -5.66
N PHE A 142 17.78 4.62 -6.13
CA PHE A 142 17.57 4.31 -7.54
C PHE A 142 16.54 5.33 -8.02
N HIS A 143 17.03 6.38 -8.68
CA HIS A 143 16.18 7.44 -9.23
C HIS A 143 15.16 7.97 -8.22
N GLY A 144 15.67 8.29 -7.03
CA GLY A 144 14.83 8.89 -5.99
C GLY A 144 14.27 7.91 -4.97
N PHE A 145 14.26 6.62 -5.31
CA PHE A 145 13.75 5.58 -4.43
C PHE A 145 14.88 5.10 -3.53
N ILE A 146 14.72 5.32 -2.22
CA ILE A 146 15.79 5.15 -1.26
C ILE A 146 15.60 3.81 -0.54
N TYR A 147 16.68 3.03 -0.52
CA TYR A 147 16.73 1.71 0.10
C TYR A 147 17.79 1.70 1.18
N GLY A 148 17.59 0.84 2.16
CA GLY A 148 18.55 0.63 3.23
C GLY A 148 18.96 -0.82 3.35
N CYS A 149 20.11 -1.06 3.97
CA CYS A 149 20.54 -2.42 4.21
C CYS A 149 21.33 -2.47 5.51
N PHE A 150 21.00 -3.45 6.35
CA PHE A 150 21.69 -3.67 7.61
C PHE A 150 23.10 -4.26 7.44
N ASP A 151 23.36 -4.86 6.28
CA ASP A 151 24.61 -5.56 6.03
C ASP A 151 25.56 -4.73 5.17
N ALA A 152 26.64 -4.26 5.80
CA ALA A 152 27.63 -3.44 5.13
C ALA A 152 28.29 -4.12 3.92
N GLU A 153 28.21 -5.44 3.84
CA GLU A 153 28.82 -6.20 2.74
C GLU A 153 27.95 -6.36 1.49
N ALA A 154 26.73 -5.82 1.53
CA ALA A 154 25.81 -5.96 0.40
C ALA A 154 26.37 -5.38 -0.90
N PRO A 155 25.98 -5.96 -2.05
CA PRO A 155 26.37 -5.30 -3.30
C PRO A 155 25.75 -3.92 -3.39
N PRO A 156 26.33 -3.01 -4.18
CA PRO A 156 25.66 -1.74 -4.44
C PRO A 156 24.24 -2.00 -4.96
N LEU A 157 23.32 -1.11 -4.61
CA LEU A 157 21.92 -1.26 -4.99
C LEU A 157 21.76 -1.48 -6.50
N ILE A 158 22.48 -0.73 -7.32
CA ILE A 158 22.34 -0.88 -8.76
C ILE A 158 22.73 -2.29 -9.25
N ASP A 159 23.78 -2.86 -8.66
N ASP A 159 23.80 -2.83 -8.67
CA ASP A 159 24.21 -4.22 -8.98
CA ASP A 159 24.23 -4.20 -8.96
C ASP A 159 23.21 -5.25 -8.47
C ASP A 159 23.16 -5.19 -8.51
N TYR A 160 22.62 -4.97 -7.31
CA TYR A 160 21.58 -5.81 -6.73
C TYR A 160 20.32 -5.86 -7.60
N LEU A 161 19.96 -4.74 -8.22
CA LEU A 161 18.85 -4.72 -9.16
C LEU A 161 19.16 -5.53 -10.43
N GLY A 162 20.45 -5.61 -10.77
CA GLY A 162 20.90 -6.50 -11.83
C GLY A 162 20.18 -6.22 -13.12
N ASP A 163 19.78 -7.29 -13.80
CA ASP A 163 19.12 -7.16 -15.09
C ASP A 163 17.73 -6.53 -15.00
N ALA A 164 17.15 -6.48 -13.79
CA ALA A 164 15.85 -5.84 -13.61
C ALA A 164 15.89 -4.33 -13.86
N ALA A 165 17.05 -3.71 -13.60
CA ALA A 165 17.17 -2.27 -13.75
C ALA A 165 16.82 -1.79 -15.16
N TRP A 166 17.26 -2.54 -16.17
CA TRP A 166 17.02 -2.18 -17.57
C TRP A 166 15.52 -2.03 -17.86
N TYR A 167 14.72 -2.92 -17.28
CA TYR A 167 13.26 -2.90 -17.47
C TYR A 167 12.58 -1.74 -16.76
N LEU A 168 13.13 -1.38 -15.60
CA LEU A 168 12.59 -0.28 -14.80
C LEU A 168 12.93 1.09 -15.38
N GLU A 169 14.04 1.20 -16.10
CA GLU A 169 14.54 2.52 -16.49
C GLU A 169 13.60 3.38 -17.34
N PRO A 170 12.88 2.81 -18.34
CA PRO A 170 11.99 3.67 -19.10
C PRO A 170 11.04 4.51 -18.22
N THR A 171 10.38 3.88 -17.24
CA THR A 171 9.51 4.60 -16.32
C THR A 171 10.28 5.35 -15.22
N PHE A 172 11.28 4.71 -14.64
CA PHE A 172 11.93 5.26 -13.44
C PHE A 172 13.01 6.30 -13.75
N LYS A 173 13.69 6.15 -14.88
CA LYS A 173 14.82 7.00 -15.20
C LYS A 173 14.54 7.98 -16.32
N TYR A 174 13.95 7.49 -17.42
CA TYR A 174 13.88 8.25 -18.67
C TYR A 174 12.62 9.09 -18.85
N SER A 175 11.65 8.93 -17.95
CA SER A 175 10.37 9.64 -18.07
C SER A 175 10.35 11.07 -17.49
N GLY A 176 11.47 11.52 -16.92
N GLY A 176 11.51 11.51 -17.01
CA GLY A 176 11.56 12.88 -16.37
CA GLY A 176 11.67 12.77 -16.33
C GLY A 176 11.39 13.04 -14.86
C GLY A 176 11.89 12.51 -14.85
N GLY A 177 11.39 11.92 -14.15
N GLY A 177 11.40 11.36 -14.39
CA GLY A 177 11.29 11.92 -12.69
CA GLY A 177 11.43 11.07 -12.98
C GLY A 177 9.95 11.41 -12.19
C GLY A 177 10.02 10.95 -12.43
N LEU A 178 9.95 10.55 -11.17
CA LEU A 178 8.72 10.12 -10.53
C LEU A 178 8.62 10.78 -9.17
N GLU A 179 7.40 10.86 -8.67
CA GLU A 179 7.14 11.30 -7.30
C GLU A 179 6.33 10.19 -6.64
N LEU A 180 6.63 9.87 -5.39
CA LEU A 180 5.80 8.93 -4.62
C LEU A 180 4.79 9.77 -3.88
N VAL A 181 3.51 9.41 -4.00
CA VAL A 181 2.44 10.15 -3.39
C VAL A 181 2.09 9.51 -2.05
N GLY A 182 2.29 10.27 -0.98
CA GLY A 182 1.91 9.81 0.35
C GLY A 182 0.66 10.50 0.83
N PRO A 183 0.16 10.10 2.01
CA PRO A 183 0.69 8.97 2.78
C PRO A 183 0.25 7.66 2.13
N PRO A 184 0.94 6.55 2.44
CA PRO A 184 0.49 5.26 1.92
C PRO A 184 -0.77 4.79 2.63
N GLY A 185 -1.57 4.00 1.92
CA GLY A 185 -2.55 3.14 2.60
C GLY A 185 -1.78 2.12 3.41
N LYS A 186 -2.32 1.78 4.59
CA LYS A 186 -1.72 0.74 5.44
C LYS A 186 -2.82 -0.14 5.99
N VAL A 187 -2.62 -1.44 5.97
CA VAL A 187 -3.61 -2.39 6.52
C VAL A 187 -2.89 -3.68 6.87
N VAL A 188 -3.38 -4.39 7.87
CA VAL A 188 -2.83 -5.70 8.21
C VAL A 188 -3.63 -6.82 7.54
N VAL A 189 -2.91 -7.73 6.89
CA VAL A 189 -3.48 -8.88 6.20
C VAL A 189 -2.90 -10.14 6.81
N LYS A 190 -3.75 -11.16 6.99
CA LYS A 190 -3.32 -12.41 7.58
C LYS A 190 -2.73 -13.37 6.54
N ALA A 191 -1.60 -12.96 5.97
CA ALA A 191 -0.88 -13.77 5.02
C ALA A 191 0.61 -13.53 5.23
N ASN A 192 1.41 -14.50 4.81
CA ASN A 192 2.85 -14.39 4.84
C ASN A 192 3.34 -13.38 3.81
N TRP A 193 4.41 -12.65 4.15
CA TRP A 193 4.95 -11.65 3.22
C TRP A 193 5.30 -12.24 1.84
N LYS A 194 5.71 -13.51 1.79
CA LYS A 194 6.11 -14.14 0.53
C LYS A 194 4.95 -14.38 -0.40
N SER A 195 3.75 -14.55 0.15
N SER A 195 3.75 -14.55 0.15
CA SER A 195 2.58 -14.77 -0.68
CA SER A 195 2.57 -14.77 -0.70
C SER A 195 2.31 -13.57 -1.60
C SER A 195 2.34 -13.57 -1.61
N PHE A 196 2.41 -12.37 -1.04
CA PHE A 196 2.26 -11.14 -1.82
C PHE A 196 3.43 -10.98 -2.79
N ALA A 197 4.63 -11.24 -2.30
CA ALA A 197 5.84 -11.08 -3.12
C ALA A 197 5.77 -11.93 -4.37
N GLU A 198 5.31 -13.18 -4.25
CA GLU A 198 5.21 -14.08 -5.41
C GLU A 198 4.09 -13.65 -6.36
N ASN A 199 2.98 -13.20 -5.80
CA ASN A 199 1.87 -12.74 -6.63
C ASN A 199 2.29 -11.56 -7.49
N PHE A 200 3.02 -10.61 -6.90
CA PHE A 200 3.46 -9.45 -7.66
C PHE A 200 4.66 -9.70 -8.55
N VAL A 201 5.51 -10.66 -8.21
CA VAL A 201 6.74 -10.84 -9.02
C VAL A 201 6.40 -11.36 -10.41
N GLY A 202 5.33 -12.12 -10.52
CA GLY A 202 5.05 -12.78 -11.80
C GLY A 202 3.69 -13.32 -12.06
N ASP A 203 2.69 -12.97 -11.25
CA ASP A 203 1.37 -13.59 -11.44
C ASP A 203 0.48 -12.86 -12.44
N GLY A 204 0.76 -13.01 -13.73
CA GLY A 204 -0.16 -12.57 -14.78
C GLY A 204 -1.31 -13.55 -14.93
N TYR A 205 -1.06 -14.81 -14.59
CA TYR A 205 -2.03 -15.89 -14.75
C TYR A 205 -3.31 -15.68 -13.94
N HIS A 206 -3.23 -15.05 -12.78
CA HIS A 206 -4.42 -14.92 -11.92
C HIS A 206 -5.40 -13.86 -12.41
N VAL A 207 -4.92 -12.89 -13.18
CA VAL A 207 -5.69 -11.68 -13.43
C VAL A 207 -7.07 -11.97 -14.00
N GLY A 208 -7.12 -12.76 -15.06
CA GLY A 208 -8.38 -13.02 -15.75
C GLY A 208 -9.37 -13.87 -14.97
N TRP A 209 -8.88 -14.57 -13.96
CA TRP A 209 -9.73 -15.46 -13.16
C TRP A 209 -10.10 -14.83 -11.81
N THR A 210 -9.08 -14.59 -11.00
CA THR A 210 -9.28 -13.94 -9.71
C THR A 210 -10.09 -12.65 -9.85
N HIS A 211 -9.76 -11.84 -10.86
CA HIS A 211 -10.36 -10.52 -11.02
C HIS A 211 -11.47 -10.46 -12.07
N ALA A 212 -12.05 -11.61 -12.41
CA ALA A 212 -13.12 -11.61 -13.43
C ALA A 212 -14.23 -10.58 -13.16
N ALA A 213 -14.71 -10.53 -11.91
CA ALA A 213 -15.78 -9.60 -11.56
C ALA A 213 -15.33 -8.14 -11.68
N ALA A 214 -14.12 -7.86 -11.21
CA ALA A 214 -13.56 -6.51 -11.25
C ALA A 214 -13.37 -6.04 -12.70
N LEU A 215 -12.97 -6.96 -13.56
CA LEU A 215 -12.79 -6.66 -14.99
C LEU A 215 -14.12 -6.31 -15.63
N ARG A 216 -15.15 -7.10 -15.34
CA ARG A 216 -16.49 -6.80 -15.86
C ARG A 216 -17.00 -5.45 -15.37
N ALA A 217 -16.81 -5.15 -14.08
CA ALA A 217 -17.39 -3.95 -13.48
C ALA A 217 -16.66 -2.68 -13.94
N GLY A 218 -15.33 -2.71 -13.90
CA GLY A 218 -14.53 -1.51 -14.19
C GLY A 218 -14.09 -1.37 -15.63
N GLN A 219 -14.14 -2.46 -16.40
CA GLN A 219 -13.74 -2.45 -17.80
C GLN A 219 -12.26 -2.04 -18.01
N SER A 220 -11.41 -2.44 -17.08
CA SER A 220 -9.95 -2.35 -17.25
C SER A 220 -9.52 -2.96 -18.58
N VAL A 221 -8.41 -2.45 -19.11
N VAL A 221 -8.40 -2.47 -19.12
CA VAL A 221 -7.77 -2.98 -20.31
CA VAL A 221 -7.83 -3.03 -20.35
C VAL A 221 -7.49 -4.48 -20.20
C VAL A 221 -7.47 -4.51 -20.20
N PHE A 222 -7.32 -4.98 -18.97
CA PHE A 222 -7.10 -6.40 -18.72
C PHE A 222 -8.32 -7.28 -19.02
N SER A 223 -9.44 -6.66 -19.42
N SER A 223 -9.44 -6.67 -19.41
CA SER A 223 -10.63 -7.41 -19.84
CA SER A 223 -10.61 -7.45 -19.82
C SER A 223 -10.34 -8.36 -21.01
C SER A 223 -10.27 -8.43 -20.95
N SER A 224 -9.24 -8.13 -21.73
CA SER A 224 -8.80 -9.00 -22.82
C SER A 224 -8.50 -10.43 -22.37
N ILE A 225 -8.03 -10.60 -21.13
CA ILE A 225 -7.67 -11.93 -20.63
C ILE A 225 -8.69 -12.49 -19.64
N ALA A 226 -9.87 -11.87 -19.59
CA ALA A 226 -10.94 -12.30 -18.69
C ALA A 226 -11.24 -13.78 -18.88
N GLY A 227 -11.41 -14.48 -17.77
CA GLY A 227 -11.72 -15.92 -17.80
C GLY A 227 -10.55 -16.80 -18.19
N ASN A 228 -9.36 -16.20 -18.34
CA ASN A 228 -8.19 -16.91 -18.88
C ASN A 228 -8.52 -17.65 -20.18
N ALA A 229 -9.35 -17.02 -21.00
CA ALA A 229 -9.87 -17.63 -22.22
C ALA A 229 -8.94 -17.39 -23.40
N LYS A 230 -8.39 -16.17 -23.47
CA LYS A 230 -7.53 -15.76 -24.58
C LYS A 230 -6.35 -14.93 -24.09
N LEU A 231 -5.23 -15.05 -24.79
CA LEU A 231 -4.06 -14.23 -24.51
C LEU A 231 -4.33 -12.80 -25.01
N PRO A 232 -3.56 -11.81 -24.52
CA PRO A 232 -3.79 -10.44 -24.99
C PRO A 232 -3.55 -10.34 -26.51
N PRO A 233 -4.34 -9.51 -27.22
CA PRO A 233 -4.10 -9.35 -28.66
C PRO A 233 -2.73 -8.78 -29.00
N GLU A 234 -2.12 -8.09 -28.03
CA GLU A 234 -0.80 -7.49 -28.19
C GLU A 234 0.31 -8.54 -28.15
N GLY A 235 -0.04 -9.74 -27.72
CA GLY A 235 0.93 -10.82 -27.50
C GLY A 235 0.95 -11.24 -26.06
N ALA A 236 1.63 -12.35 -25.78
CA ALA A 236 1.72 -12.91 -24.44
C ALA A 236 2.56 -12.06 -23.46
N GLY A 237 3.31 -11.10 -23.99
CA GLY A 237 4.17 -10.24 -23.17
C GLY A 237 5.48 -10.93 -22.84
N LEU A 238 6.11 -10.48 -21.75
N LEU A 238 6.14 -10.51 -21.78
CA LEU A 238 7.41 -10.97 -21.30
CA LEU A 238 7.34 -11.21 -21.34
C LEU A 238 7.41 -11.21 -19.79
C LEU A 238 7.43 -11.21 -19.83
N GLN A 239 8.36 -12.01 -19.33
CA GLN A 239 8.67 -12.05 -17.90
C GLN A 239 10.17 -12.23 -17.76
N MET A 240 10.74 -11.59 -16.75
CA MET A 240 12.18 -11.70 -16.53
C MET A 240 12.50 -11.91 -15.06
N THR A 241 13.69 -12.43 -14.82
CA THR A 241 14.25 -12.52 -13.49
C THR A 241 15.76 -12.26 -13.52
N SER A 242 16.34 -12.12 -12.35
CA SER A 242 17.69 -11.61 -12.19
C SER A 242 18.42 -12.33 -11.06
N LYS A 243 19.73 -12.13 -11.01
CA LYS A 243 20.60 -12.83 -10.08
C LYS A 243 20.17 -12.71 -8.62
N TYR A 244 19.82 -11.51 -8.18
CA TYR A 244 19.54 -11.27 -6.77
C TYR A 244 18.04 -11.37 -6.43
N GLY A 245 17.27 -11.89 -7.38
CA GLY A 245 15.88 -12.29 -7.08
C GLY A 245 14.77 -11.42 -7.59
N SER A 246 15.08 -10.18 -7.97
CA SER A 246 14.08 -9.28 -8.51
C SER A 246 13.63 -9.74 -9.89
N GLY A 247 12.37 -9.51 -10.19
CA GLY A 247 11.79 -9.95 -11.45
C GLY A 247 10.47 -9.26 -11.70
N MET A 248 9.95 -9.42 -12.92
CA MET A 248 8.71 -8.76 -13.29
C MET A 248 8.18 -9.31 -14.61
N GLY A 249 6.88 -9.12 -14.80
CA GLY A 249 6.24 -9.33 -16.08
C GLY A 249 5.97 -8.02 -16.80
N VAL A 250 5.78 -8.13 -18.11
CA VAL A 250 5.44 -7.02 -18.99
C VAL A 250 4.23 -7.39 -19.83
N PHE A 251 3.14 -6.67 -19.66
CA PHE A 251 1.96 -6.74 -20.55
C PHE A 251 2.02 -5.52 -21.48
N TRP A 252 2.30 -5.77 -22.76
CA TRP A 252 2.53 -4.68 -23.70
C TRP A 252 1.36 -3.70 -23.81
N GLY A 253 1.67 -2.41 -23.73
CA GLY A 253 0.72 -1.35 -24.03
C GLY A 253 -0.27 -0.96 -22.94
N TYR A 254 -0.33 -1.74 -21.86
CA TYR A 254 -1.43 -1.63 -20.87
C TYR A 254 -1.18 -0.55 -19.81
N TYR A 255 -0.96 0.67 -20.27
CA TYR A 255 -0.55 1.79 -19.41
C TYR A 255 -1.58 2.13 -18.33
N SER A 256 -2.84 1.80 -18.55
CA SER A 256 -3.85 2.08 -17.53
C SER A 256 -4.02 0.94 -16.52
N GLY A 257 -3.35 -0.19 -16.75
CA GLY A 257 -3.29 -1.28 -15.79
C GLY A 257 -4.63 -1.67 -15.20
N ASN A 258 -4.69 -1.73 -13.86
CA ASN A 258 -5.91 -2.16 -13.17
C ASN A 258 -6.92 -1.03 -12.93
N PHE A 259 -6.75 0.12 -13.59
CA PHE A 259 -7.71 1.21 -13.46
C PHE A 259 -8.96 0.96 -14.31
N SER A 260 -10.07 1.54 -13.88
CA SER A 260 -11.35 1.44 -14.55
C SER A 260 -11.41 2.37 -15.77
N ALA A 261 -12.46 2.17 -16.56
CA ALA A 261 -12.66 2.87 -17.83
C ALA A 261 -12.60 4.39 -17.73
N ASP A 262 -13.02 4.96 -16.60
CA ASP A 262 -12.99 6.41 -16.45
C ASP A 262 -11.59 7.02 -16.42
N MET A 263 -10.58 6.19 -16.16
CA MET A 263 -9.18 6.64 -16.16
C MET A 263 -8.47 6.43 -17.51
N ILE A 264 -9.01 5.56 -18.34
CA ILE A 264 -8.27 5.06 -19.51
C ILE A 264 -7.95 6.13 -20.57
N PRO A 265 -8.96 6.86 -21.07
CA PRO A 265 -8.64 7.81 -22.14
C PRO A 265 -7.55 8.84 -21.78
N ASP A 266 -7.65 9.47 -20.62
CA ASP A 266 -6.68 10.50 -20.27
C ASP A 266 -5.29 9.93 -19.99
N LEU A 267 -5.21 8.78 -19.32
CA LEU A 267 -3.92 8.18 -19.05
C LEU A 267 -3.26 7.69 -20.32
N MET A 268 -4.02 7.02 -21.17
CA MET A 268 -3.49 6.49 -22.42
C MET A 268 -2.96 7.61 -23.30
N ALA A 269 -3.68 8.73 -23.36
CA ALA A 269 -3.22 9.88 -24.15
C ALA A 269 -1.90 10.46 -23.62
N PHE A 270 -1.77 10.53 -22.30
CA PHE A 270 -0.55 11.03 -21.70
C PHE A 270 0.65 10.12 -22.00
N GLY A 271 0.46 8.81 -21.81
CA GLY A 271 1.50 7.84 -22.08
C GLY A 271 1.88 7.75 -23.54
N ALA A 272 0.89 7.82 -24.43
CA ALA A 272 1.14 7.77 -25.87
C ALA A 272 1.97 8.95 -26.33
N ALA A 273 1.67 10.13 -25.79
CA ALA A 273 2.39 11.33 -26.17
C ALA A 273 3.85 11.28 -25.73
N LYS A 274 4.11 10.82 -24.51
CA LYS A 274 5.49 10.73 -24.05
C LYS A 274 6.26 9.60 -24.73
N GLN A 275 5.57 8.50 -25.04
CA GLN A 275 6.16 7.39 -25.79
C GLN A 275 6.79 7.87 -27.11
N GLU A 276 6.05 8.71 -27.82
CA GLU A 276 6.53 9.26 -29.10
C GLU A 276 7.85 10.02 -28.92
N LYS A 277 7.95 10.81 -27.86
N LYS A 277 7.95 10.80 -27.84
CA LYS A 277 9.17 11.55 -27.54
CA LYS A 277 9.17 11.56 -27.53
C LYS A 277 10.30 10.60 -27.14
C LYS A 277 10.31 10.67 -27.06
N LEU A 278 9.98 9.66 -26.25
CA LEU A 278 10.97 8.71 -25.72
C LEU A 278 11.60 7.79 -26.76
N ALA A 279 10.83 7.42 -27.77
CA ALA A 279 11.32 6.54 -28.82
C ALA A 279 12.58 7.12 -29.48
N LYS A 280 12.65 8.44 -29.58
CA LYS A 280 13.80 9.12 -30.18
C LYS A 280 15.05 9.07 -29.30
N GLU A 281 14.85 8.90 -28.00
N GLU A 281 14.85 8.88 -27.99
CA GLU A 281 15.92 8.92 -27.00
CA GLU A 281 15.93 8.92 -27.01
C GLU A 281 16.42 7.52 -26.64
C GLU A 281 16.40 7.55 -26.55
N ILE A 282 15.49 6.59 -26.44
CA ILE A 282 15.81 5.25 -25.96
C ILE A 282 15.38 4.11 -26.89
N GLY A 283 14.76 4.45 -28.02
CA GLY A 283 14.36 3.44 -29.01
C GLY A 283 12.92 2.96 -28.87
N ASP A 284 12.41 2.32 -29.91
CA ASP A 284 10.99 1.89 -29.95
C ASP A 284 10.60 0.90 -28.85
N VAL A 285 11.39 -0.15 -28.68
CA VAL A 285 11.05 -1.19 -27.69
C VAL A 285 10.96 -0.61 -26.28
N ARG A 286 11.98 0.14 -25.88
CA ARG A 286 12.02 0.67 -24.53
C ARG A 286 10.96 1.76 -24.31
N ALA A 287 10.66 2.54 -25.35
CA ALA A 287 9.58 3.53 -25.26
C ALA A 287 8.22 2.84 -25.11
N ARG A 288 8.07 1.66 -25.72
CA ARG A 288 6.85 0.89 -25.52
C ARG A 288 6.80 0.33 -24.09
N ILE A 289 7.92 -0.16 -23.57
CA ILE A 289 7.98 -0.61 -22.17
C ILE A 289 7.52 0.51 -21.22
N TYR A 290 7.96 1.74 -21.48
CA TYR A 290 7.53 2.92 -20.72
C TYR A 290 6.00 3.00 -20.56
N ARG A 291 5.26 2.67 -21.61
CA ARG A 291 3.78 2.73 -21.54
C ARG A 291 3.10 1.35 -21.50
N SER A 292 3.85 0.38 -20.99
CA SER A 292 3.30 -0.95 -20.75
C SER A 292 3.06 -1.16 -19.25
N PHE A 293 2.37 -2.25 -18.93
CA PHE A 293 2.12 -2.64 -17.54
C PHE A 293 3.19 -3.62 -17.10
N LEU A 294 3.99 -3.21 -16.13
CA LEU A 294 4.97 -4.06 -15.48
C LEU A 294 4.46 -4.39 -14.09
N ASN A 295 4.47 -5.67 -13.74
CA ASN A 295 4.21 -6.10 -12.37
C ASN A 295 5.44 -6.81 -11.85
N GLY A 296 5.99 -6.36 -10.74
CA GLY A 296 7.19 -6.99 -10.26
C GLY A 296 7.44 -6.89 -8.78
N THR A 297 8.52 -7.54 -8.37
CA THR A 297 9.00 -7.48 -7.00
C THR A 297 10.49 -7.19 -7.02
N ILE A 298 10.87 -6.16 -6.28
N ILE A 298 10.87 -6.13 -6.30
CA ILE A 298 12.26 -5.87 -5.97
CA ILE A 298 12.25 -5.87 -5.94
C ILE A 298 12.58 -6.62 -4.68
C ILE A 298 12.50 -6.69 -4.68
N PHE A 299 13.37 -7.68 -4.82
CA PHE A 299 13.65 -8.63 -3.75
C PHE A 299 14.06 -7.89 -2.47
N PRO A 300 13.58 -8.34 -1.29
CA PRO A 300 12.61 -9.41 -1.05
C PRO A 300 11.13 -9.01 -1.05
N ASN A 301 10.81 -7.78 -0.60
CA ASN A 301 9.44 -7.49 -0.18
C ASN A 301 8.91 -6.13 -0.62
N ASN A 302 9.44 -5.61 -1.73
CA ASN A 302 8.99 -4.36 -2.31
C ASN A 302 8.41 -4.72 -3.68
N SER A 303 7.14 -4.45 -3.92
CA SER A 303 6.53 -4.75 -5.20
C SER A 303 6.01 -3.49 -5.86
N PHE A 304 5.74 -3.57 -7.17
CA PHE A 304 5.31 -2.40 -7.91
C PHE A 304 4.47 -2.83 -9.09
N LEU A 305 3.64 -1.89 -9.53
CA LEU A 305 3.00 -1.91 -10.84
C LEU A 305 3.35 -0.61 -11.54
N THR A 306 3.70 -0.68 -12.81
CA THR A 306 3.74 0.54 -13.61
C THR A 306 2.42 0.70 -14.35
N GLY A 307 2.19 1.90 -14.86
CA GLY A 307 0.98 2.21 -15.61
C GLY A 307 -0.13 2.61 -14.63
N SER A 308 -0.77 1.61 -14.02
CA SER A 308 -1.61 1.87 -12.85
C SER A 308 -0.66 1.89 -11.65
N ALA A 309 0.05 3.00 -11.54
CA ALA A 309 1.34 3.11 -10.84
C ALA A 309 1.29 2.98 -9.33
C ALA A 309 1.29 2.98 -9.33
N ALA A 310 1.75 1.84 -8.84
CA ALA A 310 1.69 1.51 -7.43
C ALA A 310 3.04 1.06 -6.91
N PHE A 311 3.30 1.34 -5.64
CA PHE A 311 4.53 0.94 -5.00
C PHE A 311 4.16 0.39 -3.64
N ARG A 312 4.59 -0.84 -3.38
CA ARG A 312 4.09 -1.57 -2.20
C ARG A 312 5.20 -2.16 -1.37
N VAL A 313 4.96 -2.22 -0.05
CA VAL A 313 5.89 -2.90 0.83
C VAL A 313 5.11 -3.91 1.65
N TRP A 314 5.61 -5.15 1.67
CA TRP A 314 5.00 -6.22 2.45
C TRP A 314 5.81 -6.32 3.73
N ASN A 315 5.42 -5.54 4.73
CA ASN A 315 6.20 -5.48 5.96
C ASN A 315 5.86 -6.66 6.88
N PRO A 316 6.83 -7.53 7.16
CA PRO A 316 6.50 -8.74 7.92
C PRO A 316 6.21 -8.41 9.39
N ILE A 317 5.16 -9.03 9.93
N ILE A 317 5.16 -9.02 9.92
CA ILE A 317 4.86 -8.92 11.35
CA ILE A 317 4.87 -8.94 11.34
C ILE A 317 5.14 -10.26 12.05
C ILE A 317 5.22 -10.27 11.99
N ASP A 318 4.63 -11.35 11.47
CA ASP A 318 5.00 -12.71 11.87
C ASP A 318 4.74 -13.63 10.68
N GLU A 319 4.88 -14.93 10.88
CA GLU A 319 4.75 -15.89 9.79
C GLU A 319 3.38 -15.89 9.10
N ASN A 320 2.38 -15.32 9.78
CA ASN A 320 1.02 -15.32 9.24
C ASN A 320 0.42 -13.93 9.12
N THR A 321 1.25 -12.89 9.23
CA THR A 321 0.72 -11.53 9.34
C THR A 321 1.66 -10.55 8.67
N THR A 322 1.10 -9.66 7.84
CA THR A 322 1.88 -8.68 7.08
C THR A 322 1.18 -7.34 7.16
N GLU A 323 1.96 -6.29 7.37
CA GLU A 323 1.49 -4.92 7.32
C GLU A 323 1.74 -4.40 5.91
N VAL A 324 0.67 -4.23 5.16
CA VAL A 324 0.77 -3.90 3.73
C VAL A 324 0.72 -2.40 3.52
N TRP A 325 1.77 -1.85 2.92
CA TRP A 325 1.82 -0.42 2.58
C TRP A 325 1.60 -0.24 1.08
N THR A 326 0.76 0.72 0.71
CA THR A 326 0.44 0.99 -0.70
C THR A 326 0.53 2.47 -1.01
N TYR A 327 1.51 2.81 -1.86
CA TYR A 327 1.65 4.16 -2.38
C TYR A 327 1.24 4.19 -3.85
N ALA A 328 0.81 5.35 -4.31
CA ALA A 328 0.79 5.63 -5.76
C ALA A 328 2.10 6.32 -6.13
N PHE A 329 2.52 6.16 -7.37
CA PHE A 329 3.54 7.06 -7.90
C PHE A 329 3.05 7.71 -9.18
N VAL A 330 3.61 8.88 -9.46
CA VAL A 330 3.22 9.67 -10.62
C VAL A 330 4.47 10.17 -11.33
N GLU A 331 4.33 10.43 -12.62
CA GLU A 331 5.38 11.10 -13.36
C GLU A 331 5.32 12.57 -13.05
N LYS A 332 6.49 13.15 -12.75
CA LYS A 332 6.57 14.53 -12.28
C LYS A 332 5.89 15.54 -13.19
N ASP A 333 5.94 15.28 -14.50
CA ASP A 333 5.38 16.22 -15.46
C ASP A 333 3.92 15.97 -15.82
N MET A 334 3.24 15.08 -15.11
CA MET A 334 1.80 14.94 -15.27
C MET A 334 1.10 16.21 -14.76
N PRO A 335 -0.02 16.61 -15.39
CA PRO A 335 -0.82 17.69 -14.80
C PRO A 335 -1.22 17.30 -13.38
N GLU A 336 -1.34 18.30 -12.50
N GLU A 336 -1.33 18.30 -12.49
CA GLU A 336 -1.63 18.05 -11.09
CA GLU A 336 -1.63 18.04 -11.09
C GLU A 336 -2.97 17.35 -10.85
C GLU A 336 -2.95 17.28 -10.90
N ASP A 337 -3.97 17.65 -11.67
CA ASP A 337 -5.27 16.98 -11.57
C ASP A 337 -5.16 15.50 -11.93
N LEU A 338 -4.37 15.18 -12.94
CA LEU A 338 -4.12 13.79 -13.29
C LEU A 338 -3.39 13.05 -12.17
N LYS A 339 -2.40 13.70 -11.57
CA LYS A 339 -1.70 13.11 -10.42
C LYS A 339 -2.66 12.72 -9.29
N ARG A 340 -3.60 13.61 -8.98
N ARG A 340 -3.60 13.61 -8.96
CA ARG A 340 -4.60 13.37 -7.92
CA ARG A 340 -4.59 13.33 -7.91
C ARG A 340 -5.53 12.21 -8.28
C ARG A 340 -5.51 12.17 -8.29
N ARG A 341 -5.93 12.15 -9.55
CA ARG A 341 -6.77 11.05 -10.03
C ARG A 341 -6.05 9.72 -9.97
N VAL A 342 -4.77 9.70 -10.36
CA VAL A 342 -3.96 8.49 -10.26
C VAL A 342 -3.84 8.03 -8.80
N ALA A 343 -3.53 8.97 -7.90
CA ALA A 343 -3.36 8.64 -6.51
C ALA A 343 -4.61 7.97 -5.93
N ASP A 344 -5.79 8.53 -6.22
CA ASP A 344 -7.04 7.95 -5.75
C ASP A 344 -7.32 6.61 -6.42
N ALA A 345 -7.02 6.51 -7.73
CA ALA A 345 -7.30 5.29 -8.47
C ALA A 345 -6.46 4.09 -7.99
N VAL A 346 -5.23 4.35 -7.56
CA VAL A 346 -4.44 3.26 -7.00
C VAL A 346 -5.12 2.70 -5.74
N GLN A 347 -5.54 3.58 -4.83
CA GLN A 347 -6.19 3.07 -3.60
C GLN A 347 -7.51 2.37 -3.94
N ARG A 348 -8.22 2.89 -4.94
CA ARG A 348 -9.51 2.33 -5.37
C ARG A 348 -9.38 0.89 -5.84
N SER A 349 -8.29 0.57 -6.53
CA SER A 349 -8.04 -0.81 -6.95
C SER A 349 -7.37 -1.66 -5.87
N ILE A 350 -6.27 -1.18 -5.30
CA ILE A 350 -5.45 -2.06 -4.47
C ILE A 350 -5.10 -1.55 -3.08
N GLY A 351 -5.71 -0.46 -2.66
CA GLY A 351 -5.51 0.02 -1.30
C GLY A 351 -6.33 -0.77 -0.29
N PRO A 352 -6.34 -0.33 0.97
CA PRO A 352 -7.11 -1.03 2.00
C PRO A 352 -8.58 -1.25 1.67
N ALA A 353 -9.20 -0.31 0.95
CA ALA A 353 -10.57 -0.51 0.45
C ALA A 353 -10.58 -0.75 -1.06
N GLY A 354 -9.52 -1.34 -1.57
CA GLY A 354 -9.40 -1.60 -3.01
C GLY A 354 -10.23 -2.80 -3.41
N PHE A 355 -11.03 -2.67 -4.46
CA PHE A 355 -11.88 -3.80 -4.84
C PHE A 355 -11.13 -4.95 -5.51
N TRP A 356 -10.03 -4.64 -6.21
CA TRP A 356 -9.15 -5.72 -6.71
C TRP A 356 -8.40 -6.37 -5.55
N GLU A 357 -7.92 -5.57 -4.61
CA GLU A 357 -7.19 -6.07 -3.45
C GLU A 357 -8.00 -7.10 -2.67
N SER A 358 -9.30 -6.88 -2.56
CA SER A 358 -10.19 -7.85 -1.94
C SER A 358 -10.05 -9.22 -2.63
N ASP A 359 -10.02 -9.21 -3.95
CA ASP A 359 -9.86 -10.46 -4.72
C ASP A 359 -8.49 -11.10 -4.44
N ASP A 360 -7.42 -10.29 -4.47
CA ASP A 360 -6.06 -10.82 -4.27
C ASP A 360 -5.89 -11.42 -2.87
N ASN A 361 -6.38 -10.70 -1.85
N ASN A 361 -6.38 -10.72 -1.85
CA ASN A 361 -6.24 -11.14 -0.45
CA ASN A 361 -6.17 -11.19 -0.48
C ASN A 361 -6.95 -12.46 -0.18
C ASN A 361 -7.00 -12.42 -0.12
N GLU A 362 -8.02 -12.69 -0.92
CA GLU A 362 -8.75 -13.93 -0.84
C GLU A 362 -7.78 -15.11 -1.14
N ASN A 363 -6.87 -14.91 -2.10
CA ASN A 363 -5.83 -15.91 -2.41
C ASN A 363 -4.68 -15.97 -1.39
N MET A 364 -4.18 -14.81 -0.99
CA MET A 364 -3.03 -14.73 -0.08
C MET A 364 -3.29 -15.38 1.27
N GLU A 365 -4.43 -15.13 1.88
N GLU A 365 -4.48 -15.07 1.79
CA GLU A 365 -4.60 -15.62 3.24
CA GLU A 365 -4.96 -15.43 3.11
C GLU A 365 -4.68 -17.14 3.40
C GLU A 365 -5.43 -16.88 3.24
N THR A 366 -5.38 -17.81 2.48
N THR A 366 -5.46 -17.60 2.14
CA THR A 366 -5.57 -19.25 2.64
CA THR A 366 -5.71 -19.05 2.23
C THR A 366 -4.29 -20.02 2.32
C THR A 366 -4.44 -19.87 1.94
N MET A 367 -3.58 -19.58 1.28
N MET A 367 -3.56 -19.34 1.10
CA MET A 367 -2.30 -20.17 0.97
CA MET A 367 -2.27 -19.97 0.83
C MET A 367 -1.46 -20.19 2.23
C MET A 367 -1.42 -20.12 2.10
N SER A 368 -1.33 -19.03 2.86
CA SER A 368 -0.50 -18.92 4.04
C SER A 368 -1.02 -19.78 5.20
N GLN A 369 -2.34 -19.81 5.36
CA GLN A 369 -2.97 -20.63 6.39
C GLN A 369 -2.68 -22.13 6.19
N ASN A 370 -2.71 -22.56 4.93
CA ASN A 370 -2.43 -23.96 4.63
C ASN A 370 -1.00 -24.38 4.92
N GLY A 371 -0.07 -23.43 4.82
CA GLY A 371 1.33 -23.68 5.16
C GLY A 371 1.55 -23.93 6.65
N LYS A 372 0.57 -23.59 7.48
CA LYS A 372 0.64 -23.79 8.91
C LYS A 372 0.14 -25.18 9.33
N LYS A 373 -0.66 -25.80 8.47
CA LYS A 373 -1.36 -27.06 8.80
C LYS A 373 -0.44 -28.25 8.52
N TYR A 374 -0.41 -29.21 9.45
CA TYR A 374 0.56 -30.31 9.41
C TYR A 374 0.61 -31.06 8.07
N GLN A 375 -0.50 -31.66 7.65
CA GLN A 375 -0.48 -32.44 6.40
C GLN A 375 -0.33 -31.55 5.18
N SER A 376 -1.08 -30.44 5.16
CA SER A 376 -1.16 -29.58 3.98
C SER A 376 0.17 -28.89 3.70
N SER A 377 0.95 -28.64 4.76
CA SER A 377 2.23 -27.94 4.64
C SER A 377 3.28 -28.72 3.84
N ASN A 378 3.08 -30.03 3.71
CA ASN A 378 3.97 -30.86 2.91
C ASN A 378 3.62 -30.90 1.43
N ILE A 379 2.52 -30.28 1.03
CA ILE A 379 2.19 -30.14 -0.39
C ILE A 379 3.14 -29.14 -1.03
N ASP A 380 3.62 -29.45 -2.24
CA ASP A 380 4.43 -28.51 -3.01
C ASP A 380 3.58 -27.50 -3.76
N GLN A 381 4.01 -26.24 -3.74
CA GLN A 381 3.62 -25.29 -4.77
C GLN A 381 4.48 -25.55 -5.99
N ILE A 382 3.88 -25.42 -7.17
CA ILE A 382 4.64 -25.62 -8.40
C ILE A 382 4.72 -24.33 -9.20
N ALA A 383 5.92 -24.07 -9.73
CA ALA A 383 6.17 -22.84 -10.51
C ALA A 383 6.71 -23.26 -11.87
N SER A 384 5.90 -24.03 -12.59
CA SER A 384 6.31 -24.72 -13.81
C SER A 384 5.97 -23.98 -15.10
N LEU A 385 5.14 -22.95 -15.02
CA LEU A 385 4.67 -22.27 -16.23
C LEU A 385 5.83 -21.62 -16.97
N GLY A 386 6.04 -22.05 -18.22
CA GLY A 386 7.14 -21.56 -19.05
C GLY A 386 8.47 -22.27 -18.84
N PHE A 387 8.50 -23.24 -17.94
CA PHE A 387 9.75 -23.95 -17.62
C PHE A 387 10.28 -24.73 -18.81
N GLY A 388 11.59 -24.60 -19.04
CA GLY A 388 12.25 -25.25 -20.18
C GLY A 388 12.37 -24.35 -21.40
N LYS A 389 11.82 -23.14 -21.33
CA LYS A 389 11.81 -22.22 -22.48
C LYS A 389 12.38 -20.83 -22.17
N ASP A 390 12.82 -20.62 -20.94
CA ASP A 390 13.51 -19.38 -20.58
C ASP A 390 14.85 -19.30 -21.29
N VAL A 391 15.24 -18.08 -21.64
CA VAL A 391 16.53 -17.84 -22.30
C VAL A 391 17.37 -16.87 -21.49
N TYR A 392 18.69 -16.91 -21.72
CA TYR A 392 19.61 -15.93 -21.16
C TYR A 392 20.46 -15.40 -22.31
N GLY A 393 20.84 -14.13 -22.24
CA GLY A 393 21.69 -13.53 -23.27
C GLY A 393 21.00 -13.16 -24.55
N ASP A 394 19.68 -12.91 -24.48
CA ASP A 394 18.93 -12.44 -25.64
C ASP A 394 19.44 -11.07 -26.06
N GLU A 395 19.49 -10.84 -27.37
CA GLU A 395 20.05 -9.60 -27.94
C GLU A 395 19.30 -8.34 -27.55
N CYS A 396 18.00 -8.48 -27.28
CA CYS A 396 17.13 -7.35 -26.98
C CYS A 396 16.74 -7.23 -25.50
N TYR A 397 16.45 -8.36 -24.86
CA TYR A 397 15.92 -8.39 -23.49
C TYR A 397 16.90 -9.08 -22.54
N PRO A 398 17.50 -8.32 -21.60
CA PRO A 398 18.49 -8.91 -20.70
C PRO A 398 17.91 -9.72 -19.53
N GLY A 399 18.76 -10.53 -18.92
CA GLY A 399 18.41 -11.40 -17.80
C GLY A 399 17.91 -12.75 -18.24
N VAL A 400 17.30 -13.49 -17.34
CA VAL A 400 16.61 -14.72 -17.69
C VAL A 400 15.19 -14.34 -18.08
N VAL A 401 14.79 -14.65 -19.31
CA VAL A 401 13.58 -14.10 -19.91
C VAL A 401 12.69 -15.18 -20.49
N GLY A 402 11.40 -15.08 -20.21
CA GLY A 402 10.37 -15.92 -20.85
C GLY A 402 9.47 -15.06 -21.72
N LYS A 403 8.81 -15.69 -22.69
N LYS A 403 8.86 -15.68 -22.73
CA LYS A 403 7.99 -14.99 -23.68
CA LYS A 403 7.99 -14.96 -23.66
C LYS A 403 6.51 -14.82 -23.28
C LYS A 403 6.51 -15.00 -23.26
N SER A 404 6.24 -14.75 -21.98
CA SER A 404 4.87 -14.54 -21.49
C SER A 404 4.83 -13.94 -20.10
N ALA A 405 3.99 -12.91 -19.94
CA ALA A 405 3.72 -12.33 -18.63
C ALA A 405 2.78 -13.23 -17.81
N ILE A 406 2.12 -14.15 -18.50
CA ILE A 406 1.41 -15.24 -17.85
C ILE A 406 2.42 -16.37 -17.85
N GLY A 407 3.17 -16.48 -16.75
CA GLY A 407 4.32 -17.35 -16.70
C GLY A 407 4.91 -17.35 -15.31
N GLU A 408 5.83 -18.27 -15.05
CA GLU A 408 6.39 -18.38 -13.71
C GLU A 408 7.94 -18.28 -13.69
N THR A 409 8.48 -17.76 -14.79
CA THR A 409 9.90 -17.38 -14.88
C THR A 409 10.38 -16.62 -13.64
N SER A 410 9.64 -15.59 -13.27
CA SER A 410 10.08 -14.73 -12.16
C SER A 410 9.77 -15.34 -10.79
N TYR A 411 8.78 -16.25 -10.70
CA TYR A 411 8.63 -17.04 -9.47
C TYR A 411 9.87 -17.87 -9.24
N ARG A 412 10.33 -18.53 -10.29
CA ARG A 412 11.49 -19.43 -10.19
C ARG A 412 12.74 -18.65 -9.75
N GLY A 413 12.95 -17.48 -10.33
CA GLY A 413 14.10 -16.65 -9.95
C GLY A 413 14.00 -16.10 -8.54
N PHE A 414 12.79 -15.72 -8.12
CA PHE A 414 12.56 -15.22 -6.77
C PHE A 414 12.90 -16.30 -5.76
N TYR A 415 12.33 -17.49 -5.97
CA TYR A 415 12.55 -18.57 -5.03
C TYR A 415 13.96 -19.16 -5.06
N ARG A 416 14.62 -19.14 -6.21
N ARG A 416 14.60 -19.10 -6.22
CA ARG A 416 16.03 -19.53 -6.26
CA ARG A 416 16.01 -19.47 -6.39
C ARG A 416 16.85 -18.62 -5.35
C ARG A 416 16.89 -18.63 -5.46
N ALA A 417 16.68 -17.31 -5.50
CA ALA A 417 17.43 -16.35 -4.67
C ALA A 417 17.08 -16.52 -3.18
N TYR A 418 15.79 -16.72 -2.90
CA TYR A 418 15.33 -16.96 -1.54
C TYR A 418 16.05 -18.17 -0.93
N GLN A 419 16.05 -19.30 -1.64
CA GLN A 419 16.68 -20.52 -1.14
C GLN A 419 18.18 -20.34 -0.93
N ALA A 420 18.83 -19.66 -1.87
CA ALA A 420 20.25 -19.35 -1.72
C ALA A 420 20.53 -18.53 -0.46
N HIS A 421 19.69 -17.53 -0.18
CA HIS A 421 19.86 -16.76 1.05
C HIS A 421 19.63 -17.54 2.34
N ILE A 422 18.55 -18.31 2.41
CA ILE A 422 18.26 -19.04 3.65
C ILE A 422 19.30 -20.13 3.95
N SER A 423 19.97 -20.62 2.90
N SER A 423 19.98 -20.62 2.91
CA SER A 423 21.02 -21.63 3.06
CA SER A 423 21.04 -21.63 3.08
C SER A 423 22.42 -21.03 3.16
C SER A 423 22.38 -21.01 3.45
N SER A 424 22.50 -19.69 3.27
CA SER A 424 23.78 -18.98 3.39
C SER A 424 23.88 -18.15 4.67
N SER A 425 25.11 -18.00 5.17
N SER A 425 25.10 -18.00 5.18
CA SER A 425 25.38 -17.24 6.39
CA SER A 425 25.33 -17.21 6.40
C SER A 425 25.78 -15.78 6.12
C SER A 425 25.77 -15.77 6.12
N ASN A 426 26.16 -15.49 4.87
CA ASN A 426 26.64 -14.16 4.49
C ASN A 426 26.57 -13.97 2.98
N TRP A 427 26.91 -12.77 2.53
CA TRP A 427 26.88 -12.45 1.11
C TRP A 427 27.83 -13.33 0.27
N ALA A 428 29.00 -13.63 0.81
CA ALA A 428 29.97 -14.45 0.10
C ALA A 428 29.42 -15.85 -0.18
N GLU A 429 28.71 -16.41 0.81
CA GLU A 429 28.07 -17.71 0.63
C GLU A 429 26.91 -17.64 -0.37
N PHE A 430 26.13 -16.56 -0.33
CA PHE A 430 25.08 -16.38 -1.35
C PHE A 430 25.70 -16.36 -2.76
N GLU A 431 26.81 -15.66 -2.91
CA GLU A 431 27.48 -15.58 -4.21
C GLU A 431 27.92 -16.95 -4.71
N ASN A 432 28.49 -17.74 -3.81
CA ASN A 432 28.89 -19.11 -4.17
C ASN A 432 27.70 -19.97 -4.58
N ALA A 433 26.56 -19.79 -3.91
CA ALA A 433 25.35 -20.54 -4.19
C ALA A 433 24.64 -20.08 -5.47
N SER A 434 25.10 -18.96 -6.04
CA SER A 434 24.44 -18.32 -7.17
C SER A 434 25.32 -18.20 -8.41
N ARG A 435 26.46 -18.91 -8.39
CA ARG A 435 27.44 -18.86 -9.49
C ARG A 435 26.87 -19.29 -10.83
N ASN A 436 25.91 -20.22 -10.81
CA ASN A 436 25.28 -20.71 -12.03
C ASN A 436 23.79 -20.36 -12.12
N TRP A 437 23.42 -19.20 -11.58
CA TRP A 437 22.00 -18.83 -11.45
C TRP A 437 21.20 -18.83 -12.75
N HIS A 438 21.86 -18.48 -13.86
CA HIS A 438 21.15 -18.41 -15.15
C HIS A 438 21.22 -19.71 -15.93
N ILE A 439 22.30 -20.47 -15.74
CA ILE A 439 22.43 -21.78 -16.37
C ILE A 439 21.59 -22.82 -15.63
N MET B 1 -23.67 27.58 23.12
CA MET B 1 -22.53 26.67 23.45
C MET B 1 -21.44 26.65 22.40
N MET B 2 -20.32 27.29 22.74
N MET B 2 -20.33 27.32 22.71
CA MET B 2 -19.15 27.34 21.86
CA MET B 2 -19.16 27.31 21.85
C MET B 2 -17.92 26.84 22.61
C MET B 2 -17.91 26.85 22.59
N ILE B 3 -16.93 26.39 21.83
CA ILE B 3 -15.68 25.92 22.39
C ILE B 3 -14.62 27.00 22.17
N ASN B 4 -13.87 27.30 23.24
CA ASN B 4 -12.77 28.25 23.18
C ASN B 4 -11.51 27.46 22.86
N THR B 5 -11.06 27.52 21.61
CA THR B 5 -9.95 26.69 21.17
C THR B 5 -8.58 27.13 21.72
N GLN B 6 -8.50 28.35 22.27
CA GLN B 6 -7.26 28.75 22.96
C GLN B 6 -7.09 27.96 24.27
N GLU B 7 -8.18 27.79 25.01
CA GLU B 7 -8.14 27.05 26.28
C GLU B 7 -8.26 25.54 26.04
N ASP B 8 -9.08 25.15 25.07
CA ASP B 8 -9.29 23.75 24.74
C ASP B 8 -8.28 23.34 23.69
N LYS B 9 -7.07 23.02 24.19
CA LYS B 9 -5.87 22.90 23.37
C LYS B 9 -5.87 21.73 22.40
N LEU B 10 -6.72 20.74 22.64
CA LEU B 10 -6.78 19.54 21.80
C LEU B 10 -7.80 19.64 20.68
N VAL B 11 -8.60 20.71 20.68
CA VAL B 11 -9.74 20.81 19.74
C VAL B 11 -9.36 21.58 18.49
N SER B 12 -9.61 20.98 17.33
CA SER B 12 -9.36 21.70 16.08
C SER B 12 -10.44 22.76 15.83
N ALA B 13 -10.09 23.80 15.08
CA ALA B 13 -11.05 24.81 14.69
C ALA B 13 -12.24 24.18 13.96
N HIS B 14 -11.92 23.25 13.06
CA HIS B 14 -12.93 22.53 12.33
C HIS B 14 -13.92 21.81 13.26
N ASP B 15 -13.40 21.06 14.22
CA ASP B 15 -14.28 20.30 15.13
C ASP B 15 -15.09 21.22 16.03
N ALA B 16 -14.48 22.32 16.46
CA ALA B 16 -15.19 23.29 17.31
C ALA B 16 -16.41 23.87 16.60
N GLU B 17 -16.21 24.26 15.35
CA GLU B 17 -17.29 24.82 14.54
C GLU B 17 -18.40 23.81 14.27
N GLU B 18 -18.03 22.58 13.94
N GLU B 18 -18.01 22.58 13.99
CA GLU B 18 -19.04 21.55 13.71
CA GLU B 18 -18.96 21.50 13.71
C GLU B 18 -19.85 21.29 14.98
C GLU B 18 -19.77 21.09 14.94
N PHE B 19 -19.18 21.25 16.13
CA PHE B 19 -19.91 21.04 17.37
C PHE B 19 -20.98 22.12 17.54
N HIS B 20 -20.60 23.38 17.31
CA HIS B 20 -21.54 24.47 17.42
C HIS B 20 -22.72 24.32 16.44
N ARG B 21 -22.40 23.94 15.20
N ARG B 21 -22.40 23.93 15.21
CA ARG B 21 -23.42 23.70 14.16
CA ARG B 21 -23.42 23.72 14.16
C ARG B 21 -24.51 22.77 14.65
C ARG B 21 -24.50 22.75 14.61
N PHE B 22 -24.09 21.62 15.17
CA PHE B 22 -25.03 20.61 15.60
C PHE B 22 -25.71 20.94 16.91
N PHE B 23 -25.06 21.78 17.73
CA PHE B 23 -25.68 22.22 18.97
C PHE B 23 -26.88 23.11 18.66
N VAL B 24 -26.65 24.19 17.92
CA VAL B 24 -27.73 25.17 17.64
C VAL B 24 -28.75 24.66 16.62
N GLY B 25 -28.38 23.66 15.83
CA GLY B 25 -29.25 23.13 14.79
C GLY B 25 -30.23 22.08 15.29
N HIS B 26 -30.20 21.77 16.58
CA HIS B 26 -31.11 20.77 17.12
C HIS B 26 -32.58 21.07 16.83
N ASP B 27 -33.29 20.08 16.30
CA ASP B 27 -34.72 20.15 16.07
C ASP B 27 -35.30 18.77 16.28
N SER B 28 -36.27 18.67 17.19
N SER B 28 -36.25 18.64 17.19
CA SER B 28 -36.82 17.38 17.58
CA SER B 28 -36.74 17.31 17.56
C SER B 28 -37.40 16.58 16.41
C SER B 28 -37.41 16.55 16.40
N ASP B 29 -38.17 17.25 15.56
CA ASP B 29 -38.77 16.62 14.38
C ASP B 29 -37.70 16.11 13.42
N LEU B 30 -36.68 16.94 13.18
CA LEU B 30 -35.60 16.55 12.30
C LEU B 30 -34.83 15.35 12.84
N GLN B 31 -34.61 15.34 14.15
CA GLN B 31 -33.91 14.22 14.79
C GLN B 31 -34.62 12.91 14.52
N GLN B 32 -35.95 12.89 14.67
CA GLN B 32 -36.72 11.68 14.43
C GLN B 32 -36.64 11.27 12.97
N GLU B 33 -36.80 12.24 12.09
CA GLU B 33 -36.79 11.99 10.64
C GLU B 33 -35.46 11.40 10.17
N VAL B 34 -34.36 11.99 10.63
CA VAL B 34 -33.04 11.56 10.22
C VAL B 34 -32.66 10.22 10.85
N THR B 35 -33.10 9.99 12.09
CA THR B 35 -32.86 8.69 12.72
C THR B 35 -33.53 7.59 11.88
N THR B 36 -34.77 7.83 11.44
CA THR B 36 -35.48 6.86 10.60
C THR B 36 -34.73 6.62 9.27
N LEU B 37 -34.30 7.72 8.63
CA LEU B 37 -33.55 7.68 7.39
C LEU B 37 -32.31 6.78 7.53
N LEU B 38 -31.51 7.02 8.58
CA LEU B 38 -30.26 6.28 8.76
C LEU B 38 -30.49 4.83 9.14
N THR B 39 -31.58 4.57 9.86
CA THR B 39 -31.93 3.19 10.20
C THR B 39 -32.34 2.41 8.93
N ARG B 40 -33.14 3.04 8.08
CA ARG B 40 -33.53 2.44 6.81
C ARG B 40 -32.29 2.17 5.94
N GLU B 41 -31.39 3.16 5.87
CA GLU B 41 -30.19 3.02 5.04
C GLU B 41 -29.36 1.83 5.53
N ALA B 42 -29.16 1.74 6.85
CA ALA B 42 -28.36 0.67 7.44
C ALA B 42 -28.99 -0.70 7.23
N HIS B 43 -30.32 -0.78 7.31
CA HIS B 43 -31.03 -2.03 7.07
C HIS B 43 -30.80 -2.49 5.62
N LEU B 44 -30.95 -1.55 4.69
CA LEU B 44 -30.75 -1.86 3.29
C LEU B 44 -29.34 -2.37 3.00
N LEU B 45 -28.34 -1.73 3.60
CA LEU B 45 -26.97 -2.19 3.44
C LEU B 45 -26.71 -3.53 4.11
N ASP B 46 -27.32 -3.75 5.28
CA ASP B 46 -27.12 -5.02 5.99
C ASP B 46 -27.63 -6.23 5.21
N ILE B 47 -28.72 -6.06 4.48
CA ILE B 47 -29.24 -7.15 3.64
C ILE B 47 -28.61 -7.16 2.24
N GLN B 48 -27.63 -6.29 2.03
CA GLN B 48 -26.78 -6.26 0.83
C GLN B 48 -27.56 -5.83 -0.41
N ALA B 49 -28.54 -4.97 -0.19
CA ALA B 49 -29.32 -4.39 -1.29
C ALA B 49 -28.61 -3.15 -1.84
N TYR B 50 -27.43 -3.40 -2.39
CA TYR B 50 -26.56 -2.31 -2.81
C TYR B 50 -27.10 -1.52 -3.99
N LYS B 51 -27.83 -2.16 -4.91
N LYS B 51 -27.84 -2.17 -4.89
CA LYS B 51 -28.43 -1.42 -6.03
CA LYS B 51 -28.43 -1.47 -6.03
C LYS B 51 -29.53 -0.50 -5.55
C LYS B 51 -29.53 -0.52 -5.56
N ALA B 52 -30.41 -1.00 -4.69
CA ALA B 52 -31.47 -0.18 -4.10
C ALA B 52 -30.86 1.00 -3.32
N TRP B 53 -29.78 0.75 -2.60
CA TRP B 53 -29.10 1.81 -1.87
C TRP B 53 -28.57 2.89 -2.83
N LEU B 54 -27.84 2.47 -3.86
CA LEU B 54 -27.25 3.42 -4.78
C LEU B 54 -28.33 4.19 -5.56
N GLU B 55 -29.42 3.52 -5.94
CA GLU B 55 -30.46 4.21 -6.69
C GLU B 55 -31.31 5.13 -5.83
N HIS B 56 -31.73 4.66 -4.66
CA HIS B 56 -32.73 5.38 -3.87
C HIS B 56 -32.19 6.23 -2.75
N PHE B 57 -31.00 5.89 -2.24
CA PHE B 57 -30.44 6.63 -1.10
C PHE B 57 -29.25 7.52 -1.45
N VAL B 58 -28.74 7.43 -2.67
CA VAL B 58 -27.49 8.13 -3.03
C VAL B 58 -27.77 9.06 -4.21
N ALA B 59 -27.39 10.33 -4.09
CA ALA B 59 -27.64 11.32 -5.15
C ALA B 59 -26.63 11.19 -6.29
N PRO B 60 -27.04 11.58 -7.50
CA PRO B 60 -26.10 11.56 -8.63
C PRO B 60 -24.78 12.30 -8.36
N GLU B 61 -24.83 13.39 -7.59
CA GLU B 61 -23.66 14.22 -7.34
C GLU B 61 -22.81 13.74 -6.15
N ILE B 62 -23.08 12.54 -5.65
CA ILE B 62 -22.38 11.99 -4.50
C ILE B 62 -20.86 12.13 -4.54
N LYS B 63 -20.30 12.51 -3.39
N LYS B 63 -20.29 12.51 -3.39
CA LYS B 63 -18.89 12.35 -3.05
CA LYS B 63 -18.88 12.30 -3.10
C LYS B 63 -18.86 11.44 -1.83
C LYS B 63 -18.82 11.45 -1.85
N TYR B 64 -18.30 10.24 -1.99
CA TYR B 64 -18.26 9.25 -0.92
C TYR B 64 -16.80 9.06 -0.54
N GLN B 65 -16.39 9.65 0.58
CA GLN B 65 -14.97 9.78 0.90
C GLN B 65 -14.64 9.23 2.28
N VAL B 66 -13.62 8.38 2.35
CA VAL B 66 -13.10 7.84 3.61
C VAL B 66 -11.61 8.03 3.54
N ILE B 67 -11.07 8.74 4.53
CA ILE B 67 -9.64 9.01 4.56
C ILE B 67 -8.95 8.26 5.68
N SER B 68 -7.66 8.04 5.48
CA SER B 68 -6.75 7.61 6.52
C SER B 68 -5.72 8.72 6.70
N ARG B 69 -5.66 9.28 7.91
CA ARG B 69 -4.77 10.39 8.18
C ARG B 69 -3.45 9.92 8.75
N GLU B 70 -2.37 10.30 8.09
CA GLU B 70 -1.04 10.02 8.59
C GLU B 70 -0.85 10.66 9.95
N LEU B 71 -0.20 9.94 10.87
CA LEU B 71 -0.02 10.44 12.22
C LEU B 71 1.17 11.38 12.28
N ARG B 72 0.89 12.63 12.62
CA ARG B 72 1.88 13.69 12.63
C ARG B 72 2.03 14.19 14.06
N SER B 73 3.18 14.78 14.36
CA SER B 73 3.40 15.37 15.66
C SER B 73 2.51 16.58 15.85
N THR B 74 1.94 16.68 17.04
CA THR B 74 1.06 17.79 17.39
C THR B 74 1.82 19.11 17.45
N SER B 75 3.08 19.02 17.81
CA SER B 75 3.92 20.20 18.13
C SER B 75 4.79 20.80 17.00
N GLU B 76 5.08 20.01 15.91
N GLU B 76 5.01 20.03 15.96
CA GLU B 76 5.89 20.44 14.71
CA GLU B 76 5.93 20.41 14.89
C GLU B 76 4.93 21.20 13.76
C GLU B 76 5.26 21.27 13.81
N ARG B 77 5.36 21.83 12.65
CA ARG B 77 4.40 22.65 11.86
C ARG B 77 4.71 22.61 10.39
N ARG B 78 6.02 22.64 10.25
CA ARG B 78 6.77 22.76 9.01
C ARG B 78 6.45 21.74 7.93
N TYR B 79 6.35 20.48 8.29
CA TYR B 79 6.07 19.41 7.30
C TYR B 79 4.65 19.57 6.75
N GLN B 80 4.55 20.01 5.49
N GLN B 80 4.55 19.93 5.49
CA GLN B 80 3.24 20.32 4.88
CA GLN B 80 3.28 20.32 4.85
C GLN B 80 2.83 19.38 3.73
C GLN B 80 2.70 19.31 3.87
N LEU B 81 3.36 18.16 3.68
CA LEU B 81 2.97 17.24 2.63
C LEU B 81 1.58 16.72 3.00
N ASN B 82 0.79 16.37 2.00
N ASN B 82 0.81 16.35 1.99
CA ASN B 82 -0.58 15.93 2.24
CA ASN B 82 -0.52 15.76 2.14
C ASN B 82 -0.60 14.83 3.28
C ASN B 82 -0.58 14.77 3.31
N ASP B 83 -1.48 14.99 4.26
CA ASP B 83 -1.56 14.09 5.41
C ASP B 83 -2.67 13.06 5.31
N ALA B 84 -3.38 13.00 4.19
CA ALA B 84 -4.54 12.11 4.11
C ALA B 84 -4.50 11.32 2.81
N VAL B 85 -4.75 10.02 2.91
CA VAL B 85 -4.93 9.19 1.72
C VAL B 85 -6.40 8.81 1.64
N ASN B 86 -6.93 8.85 0.42
CA ASN B 86 -8.32 8.49 0.17
C ASN B 86 -8.47 6.99 0.02
N LEU B 87 -8.98 6.32 1.05
CA LEU B 87 -9.35 4.92 0.94
C LEU B 87 -10.56 4.75 0.03
N TYR B 88 -11.50 5.68 0.13
CA TYR B 88 -12.56 5.89 -0.84
C TYR B 88 -12.57 7.36 -1.20
N ASN B 89 -12.84 7.68 -2.46
CA ASN B 89 -13.20 9.03 -2.86
C ASN B 89 -13.99 8.93 -4.15
N GLU B 90 -15.25 8.54 -4.01
CA GLU B 90 -16.00 8.00 -5.14
C GLU B 90 -17.11 8.90 -5.59
N ASN B 91 -17.24 9.01 -6.92
CA ASN B 91 -18.43 9.59 -7.53
C ASN B 91 -19.45 8.47 -7.80
N TYR B 92 -20.56 8.81 -8.44
CA TYR B 92 -21.63 7.87 -8.63
C TYR B 92 -21.21 6.68 -9.48
N GLN B 93 -20.50 6.94 -10.57
CA GLN B 93 -20.03 5.88 -11.45
C GLN B 93 -19.06 4.93 -10.73
N GLN B 94 -18.19 5.50 -9.91
CA GLN B 94 -17.25 4.71 -9.13
C GLN B 94 -17.96 3.83 -8.10
N LEU B 95 -18.99 4.37 -7.48
CA LEU B 95 -19.84 3.53 -6.62
C LEU B 95 -20.55 2.44 -7.41
N LYS B 96 -21.05 2.77 -8.61
CA LYS B 96 -21.68 1.77 -9.46
C LYS B 96 -20.74 0.60 -9.75
N VAL B 97 -19.49 0.90 -10.09
CA VAL B 97 -18.50 -0.15 -10.33
C VAL B 97 -18.32 -1.04 -9.11
N ARG B 98 -18.19 -0.41 -7.95
CA ARG B 98 -18.03 -1.18 -6.71
C ARG B 98 -19.25 -2.06 -6.41
N VAL B 99 -20.45 -1.52 -6.64
CA VAL B 99 -21.70 -2.25 -6.43
C VAL B 99 -21.79 -3.46 -7.36
N GLU B 100 -21.42 -3.28 -8.61
N GLU B 100 -21.48 -3.26 -8.63
CA GLU B 100 -21.47 -4.39 -9.56
CA GLU B 100 -21.44 -4.37 -9.60
C GLU B 100 -20.44 -5.47 -9.28
C GLU B 100 -20.51 -5.46 -9.09
N HIS B 101 -19.28 -5.07 -8.76
CA HIS B 101 -18.30 -6.04 -8.28
C HIS B 101 -18.81 -6.83 -7.06
N GLN B 102 -19.48 -6.15 -6.12
CA GLN B 102 -20.03 -6.84 -4.94
C GLN B 102 -21.03 -7.92 -5.32
N MET B 103 -21.84 -7.64 -6.32
CA MET B 103 -22.99 -8.48 -6.67
C MET B 103 -22.68 -9.56 -7.71
N ASP B 104 -21.52 -9.48 -8.35
CA ASP B 104 -21.17 -10.39 -9.45
C ASP B 104 -21.05 -11.81 -8.93
N PRO B 105 -21.67 -12.79 -9.63
CA PRO B 105 -21.59 -14.17 -9.18
C PRO B 105 -20.17 -14.73 -9.17
N GLN B 106 -19.24 -14.06 -9.82
CA GLN B 106 -17.85 -14.49 -9.80
C GLN B 106 -16.95 -13.67 -8.87
N ASN B 107 -17.56 -12.91 -7.97
CA ASN B 107 -16.80 -12.34 -6.85
C ASN B 107 -16.57 -13.47 -5.86
N TRP B 108 -15.40 -14.08 -5.95
CA TRP B 108 -15.09 -15.30 -5.19
C TRP B 108 -15.12 -15.08 -3.69
N ALA B 109 -14.73 -13.89 -3.25
CA ALA B 109 -14.70 -13.56 -1.82
C ALA B 109 -16.08 -13.56 -1.18
N ASN B 110 -17.12 -13.39 -1.99
CA ASN B 110 -18.47 -13.28 -1.47
C ASN B 110 -19.28 -14.58 -1.47
N ASN B 111 -18.58 -15.69 -1.62
CA ASN B 111 -19.19 -17.02 -1.56
C ASN B 111 -18.44 -17.86 -0.56
N PRO B 112 -19.11 -18.35 0.50
CA PRO B 112 -20.52 -18.16 0.88
C PRO B 112 -20.86 -16.72 1.25
N LYS B 113 -22.15 -16.41 1.22
CA LYS B 113 -22.64 -15.07 1.49
C LYS B 113 -22.17 -14.53 2.85
N ILE B 114 -21.62 -13.33 2.84
N ILE B 114 -21.66 -13.31 2.80
CA ILE B 114 -21.10 -12.70 4.05
CA ILE B 114 -21.15 -12.54 3.94
C ILE B 114 -22.26 -12.11 4.86
C ILE B 114 -22.33 -12.15 4.87
N ARG B 115 -22.03 -11.91 6.15
CA ARG B 115 -23.05 -11.39 7.07
C ARG B 115 -22.66 -10.02 7.65
N PHE B 116 -23.53 -9.04 7.47
CA PHE B 116 -23.33 -7.69 7.98
C PHE B 116 -24.37 -7.31 9.01
N THR B 117 -23.92 -6.62 10.06
CA THR B 117 -24.81 -6.06 11.05
C THR B 117 -24.31 -4.66 11.40
N ARG B 118 -25.17 -3.66 11.28
CA ARG B 118 -24.80 -2.26 11.51
C ARG B 118 -25.54 -1.66 12.69
N PHE B 119 -24.80 -0.92 13.50
CA PHE B 119 -25.32 -0.27 14.69
C PHE B 119 -25.07 1.21 14.55
N VAL B 120 -26.14 1.98 14.40
CA VAL B 120 -26.04 3.44 14.20
C VAL B 120 -26.48 4.14 15.47
N THR B 121 -25.65 5.05 15.98
CA THR B 121 -25.94 5.73 17.23
C THR B 121 -25.55 7.20 17.14
N ASN B 122 -25.95 7.95 18.16
CA ASN B 122 -25.48 9.33 18.34
C ASN B 122 -25.80 10.19 17.13
N VAL B 123 -27.02 10.03 16.64
CA VAL B 123 -27.44 10.77 15.45
C VAL B 123 -27.69 12.22 15.80
N THR B 124 -27.14 13.11 15.02
N THR B 124 -27.13 13.13 15.00
CA THR B 124 -27.54 14.49 15.13
CA THR B 124 -27.23 14.58 15.18
C THR B 124 -27.70 15.05 13.74
C THR B 124 -27.42 15.27 13.82
N ALA B 125 -28.45 16.11 13.67
CA ALA B 125 -28.79 16.71 12.39
C ALA B 125 -28.95 18.21 12.50
N ALA B 126 -28.67 18.91 11.40
CA ALA B 126 -28.90 20.35 11.33
C ALA B 126 -29.20 20.73 9.89
N LYS B 127 -30.27 21.48 9.67
CA LYS B 127 -30.57 22.03 8.36
C LYS B 127 -29.47 23.03 8.02
N ASP B 128 -28.99 23.01 6.78
CA ASP B 128 -28.03 24.01 6.34
C ASP B 128 -28.65 25.41 6.40
N LYS B 129 -27.88 26.39 6.84
CA LYS B 129 -28.41 27.74 7.03
C LYS B 129 -28.61 28.52 5.72
N SER B 130 -27.98 28.06 4.65
N SER B 130 -27.99 28.04 4.65
CA SER B 130 -28.15 28.70 3.34
CA SER B 130 -28.08 28.69 3.34
C SER B 130 -29.09 27.88 2.47
C SER B 130 -28.95 27.90 2.37
N ALA B 131 -28.80 26.58 2.39
CA ALA B 131 -29.56 25.69 1.53
C ALA B 131 -30.45 24.81 2.40
N PRO B 132 -31.70 25.27 2.64
CA PRO B 132 -32.54 24.54 3.58
C PRO B 132 -32.87 23.09 3.17
N GLU B 133 -32.73 22.76 1.89
CA GLU B 133 -32.95 21.38 1.43
C GLU B 133 -31.81 20.43 1.77
N ILE B 134 -30.70 20.99 2.24
CA ILE B 134 -29.54 20.22 2.64
C ILE B 134 -29.56 20.00 4.15
N LEU B 135 -29.41 18.74 4.54
CA LEU B 135 -29.37 18.34 5.94
C LEU B 135 -27.98 17.84 6.25
N HIS B 136 -27.33 18.50 7.21
CA HIS B 136 -26.07 18.01 7.75
C HIS B 136 -26.39 16.95 8.78
N VAL B 137 -25.71 15.81 8.71
CA VAL B 137 -25.99 14.70 9.60
C VAL B 137 -24.67 14.13 10.09
N ARG B 138 -24.62 13.87 11.39
N ARG B 138 -24.60 13.83 11.37
CA ARG B 138 -23.51 13.18 12.02
CA ARG B 138 -23.43 13.17 11.94
C ARG B 138 -24.07 11.92 12.65
C ARG B 138 -23.94 11.99 12.74
N SER B 139 -23.34 10.82 12.54
CA SER B 139 -23.75 9.60 13.23
C SER B 139 -22.57 8.69 13.40
N ASN B 140 -22.60 7.90 14.46
CA ASN B 140 -21.55 6.94 14.74
C ASN B 140 -22.02 5.55 14.35
N LEU B 141 -21.10 4.77 13.80
CA LEU B 141 -21.39 3.43 13.28
C LEU B 141 -20.45 2.40 13.85
N ILE B 142 -21.04 1.29 14.32
CA ILE B 142 -20.31 0.04 14.49
C ILE B 142 -20.80 -0.90 13.41
N LEU B 143 -19.87 -1.48 12.64
CA LEU B 143 -20.24 -2.42 11.58
C LEU B 143 -19.55 -3.74 11.87
N HIS B 144 -20.33 -4.81 12.02
CA HIS B 144 -19.83 -6.15 12.27
C HIS B 144 -19.95 -6.94 10.97
N ARG B 145 -18.86 -7.53 10.54
CA ARG B 145 -18.82 -8.36 9.34
C ARG B 145 -18.30 -9.73 9.71
N ALA B 146 -19.09 -10.77 9.38
CA ALA B 146 -18.70 -12.15 9.69
C ALA B 146 -18.69 -12.96 8.40
N ARG B 147 -17.66 -13.79 8.23
CA ARG B 147 -17.54 -14.65 7.05
C ARG B 147 -16.69 -15.85 7.37
N ARG B 148 -16.82 -16.88 6.53
CA ARG B 148 -15.85 -17.98 6.47
C ARG B 148 -15.65 -18.66 7.83
N GLU B 149 -16.75 -18.82 8.55
CA GLU B 149 -16.84 -19.59 9.82
C GLU B 149 -16.32 -18.86 11.04
N ASN B 150 -15.11 -18.33 10.95
CA ASN B 150 -14.47 -17.78 12.14
C ASN B 150 -13.82 -16.41 11.90
N GLN B 151 -14.14 -15.74 10.80
CA GLN B 151 -13.65 -14.39 10.58
C GLN B 151 -14.69 -13.38 11.04
N VAL B 152 -14.24 -12.49 11.93
CA VAL B 152 -15.09 -11.41 12.45
C VAL B 152 -14.27 -10.14 12.43
N ASP B 153 -14.82 -9.12 11.77
CA ASP B 153 -14.19 -7.80 11.73
C ASP B 153 -15.20 -6.78 12.18
N VAL B 154 -14.77 -5.88 13.06
CA VAL B 154 -15.63 -4.84 13.60
C VAL B 154 -15.01 -3.48 13.29
N PHE B 155 -15.80 -2.65 12.62
CA PHE B 155 -15.41 -1.32 12.17
C PHE B 155 -16.12 -0.28 13.01
N TYR B 156 -15.44 0.85 13.27
CA TYR B 156 -15.94 1.92 14.12
C TYR B 156 -15.70 3.23 13.39
N ALA B 157 -16.72 4.06 13.24
CA ALA B 157 -16.57 5.28 12.43
C ALA B 157 -17.58 6.33 12.80
N THR B 158 -17.24 7.58 12.50
CA THR B 158 -18.17 8.70 12.53
C THR B 158 -18.41 9.16 11.10
N ARG B 159 -19.65 9.12 10.67
CA ARG B 159 -20.02 9.58 9.33
C ARG B 159 -20.49 11.01 9.37
N GLU B 160 -19.84 11.86 8.58
CA GLU B 160 -20.21 13.27 8.46
C GLU B 160 -20.84 13.46 7.09
N ASP B 161 -22.17 13.60 7.07
CA ASP B 161 -22.94 13.54 5.84
C ASP B 161 -23.59 14.86 5.50
N LYS B 162 -23.81 15.04 4.20
CA LYS B 162 -24.80 15.98 3.69
C LYS B 162 -25.81 15.17 2.90
N TRP B 163 -27.07 15.35 3.27
CA TRP B 163 -28.21 14.74 2.60
C TRP B 163 -29.05 15.84 1.97
N LYS B 164 -29.78 15.50 0.91
CA LYS B 164 -30.59 16.48 0.19
C LYS B 164 -32.02 15.98 0.05
N ARG B 165 -32.99 16.83 0.38
CA ARG B 165 -34.39 16.54 0.11
C ARG B 165 -34.67 16.57 -1.39
N ILE B 166 -35.44 15.58 -1.86
CA ILE B 166 -35.81 15.42 -3.26
C ILE B 166 -37.28 15.75 -3.47
N GLU B 167 -37.61 16.29 -4.64
CA GLU B 167 -39.02 16.50 -5.03
C GLU B 167 -39.74 15.15 -4.96
N GLY B 168 -40.86 15.09 -4.23
CA GLY B 168 -41.55 13.82 -4.00
C GLY B 168 -41.42 13.25 -2.59
N GLY B 169 -40.46 13.76 -1.81
CA GLY B 169 -40.37 13.41 -0.39
C GLY B 169 -39.14 12.63 0.04
N GLY B 170 -38.44 12.05 -0.93
CA GLY B 170 -37.21 11.31 -0.65
C GLY B 170 -36.06 12.17 -0.17
N ILE B 171 -35.01 11.51 0.33
CA ILE B 171 -33.81 12.18 0.84
C ILE B 171 -32.63 11.35 0.36
N LYS B 172 -31.66 12.00 -0.28
CA LYS B 172 -30.51 11.28 -0.84
C LYS B 172 -29.19 11.84 -0.38
N LEU B 173 -28.20 10.97 -0.26
CA LEU B 173 -26.89 11.33 0.22
C LEU B 173 -26.09 12.07 -0.86
N VAL B 174 -25.63 13.29 -0.57
N VAL B 174 -25.64 13.27 -0.52
CA VAL B 174 -24.78 14.00 -1.52
CA VAL B 174 -24.86 14.15 -1.40
C VAL B 174 -23.30 14.01 -1.13
C VAL B 174 -23.36 14.01 -1.11
N GLU B 175 -23.02 13.84 0.16
CA GLU B 175 -21.63 13.68 0.61
C GLU B 175 -21.61 12.84 1.87
N ARG B 176 -20.70 11.87 1.91
CA ARG B 176 -20.34 11.21 3.17
C ARG B 176 -18.84 11.32 3.31
N PHE B 177 -18.40 11.76 4.49
CA PHE B 177 -17.00 11.86 4.82
C PHE B 177 -16.74 11.10 6.12
N VAL B 178 -15.72 10.27 6.11
CA VAL B 178 -15.27 9.54 7.30
C VAL B 178 -13.77 9.72 7.44
N ASP B 179 -13.35 10.21 8.59
CA ASP B 179 -11.94 10.24 8.96
C ASP B 179 -11.71 8.97 9.78
N TYR B 180 -11.23 7.91 9.14
CA TYR B 180 -11.27 6.59 9.77
C TYR B 180 -10.33 6.54 10.98
N PRO B 181 -10.81 6.14 12.16
CA PRO B 181 -9.99 6.38 13.35
C PRO B 181 -8.75 5.52 13.58
N GLU B 182 -8.70 4.35 12.96
N GLU B 182 -8.69 4.35 12.94
CA GLU B 182 -7.55 3.48 13.07
CA GLU B 182 -7.56 3.43 13.10
C GLU B 182 -6.66 3.74 11.87
C GLU B 182 -6.63 3.57 11.90
N ARG B 183 -5.42 4.11 12.11
CA ARG B 183 -4.51 4.38 10.99
C ARG B 183 -4.21 3.12 10.19
N ILE B 184 -3.97 2.02 10.89
CA ILE B 184 -3.74 0.73 10.26
C ILE B 184 -4.84 -0.21 10.70
N PRO B 185 -5.92 -0.31 9.90
CA PRO B 185 -6.99 -1.26 10.27
C PRO B 185 -6.48 -2.68 10.38
N GLN B 186 -6.97 -3.37 11.40
CA GLN B 186 -6.64 -4.77 11.64
C GLN B 186 -7.90 -5.60 11.36
N THR B 187 -8.61 -5.21 10.30
CA THR B 187 -9.84 -5.85 9.85
C THR B 187 -9.71 -6.52 8.47
N HIS B 188 -8.47 -6.84 8.08
CA HIS B 188 -8.11 -7.44 6.77
C HIS B 188 -8.20 -6.47 5.59
N ASN B 189 -9.24 -5.66 5.59
CA ASN B 189 -9.46 -4.64 4.58
C ASN B 189 -10.44 -3.63 5.14
N LEU B 190 -10.79 -2.64 4.33
CA LEU B 190 -11.85 -1.70 4.66
C LEU B 190 -12.92 -1.71 3.56
N LEU B 191 -13.18 -2.87 2.99
CA LEU B 191 -14.09 -3.00 1.85
C LEU B 191 -15.55 -3.13 2.30
N VAL B 192 -16.01 -2.11 3.02
CA VAL B 192 -17.37 -2.05 3.54
C VAL B 192 -17.90 -0.66 3.27
N PHE B 193 -19.21 -0.55 3.06
CA PHE B 193 -19.81 0.76 2.95
C PHE B 193 -20.14 1.30 4.32
N LEU B 194 -19.30 2.21 4.79
CA LEU B 194 -19.53 2.94 6.02
C LEU B 194 -20.57 4.01 5.80
FE1 FES C . 15.55 7.47 26.38
FE2 FES C . 16.15 7.22 29.00
S1 FES C . 15.25 5.69 27.64
S2 FES C . 16.32 9.03 27.75
FE FE D . -4.37 -9.28 -8.60
C1 EDO E . -1.09 -8.05 -9.02
O1 EDO E . -2.11 -8.72 -8.27
C2 EDO E . 0.03 -9.02 -9.37
O2 EDO E . 0.30 -8.95 -10.77
C1 EDO F . 3.89 7.09 6.42
O1 EDO F . 2.55 6.82 6.87
C2 EDO F . 4.88 6.13 7.04
O2 EDO F . 6.19 6.65 6.85
C1 EDO G . 23.31 -11.66 8.12
O1 EDO G . 22.71 -12.87 7.66
C2 EDO G . 24.64 -11.42 7.41
O2 EDO G . 24.42 -11.41 6.00
C1 EOH H . 5.57 3.36 10.73
C2 EOH H . 5.42 4.57 9.85
O EOH H . 6.68 2.57 10.41
C1 EOH I . 20.52 7.40 -9.34
C2 EOH I . 19.66 8.62 -9.07
O EOH I . 19.79 6.24 -9.55
C1 EOH J . 22.40 -10.84 -19.76
C2 EOH J . 21.21 -11.51 -20.41
O EOH J . 22.03 -9.61 -19.19
C1 EOH K . 6.07 12.19 18.36
C2 EOH K . 5.58 11.51 19.64
O EOH K . 7.01 11.40 17.67
C1 EOH L . 7.62 -5.29 -28.76
C2 EOH L . 7.10 -6.62 -29.30
O EOH L . 6.88 -4.19 -29.27
NI NI M . -15.91 17.48 10.02
NI NI N . -35.56 0.50 -7.10
C1 EDO O . -17.71 29.91 25.51
O1 EDO O . -18.26 28.79 26.27
C2 EDO O . -16.18 29.94 25.47
O2 EDO O . -15.56 29.09 26.45
C1 EDO P . -18.35 -1.67 -0.39
O1 EDO P . -16.93 -1.74 -0.33
C2 EDO P . -18.89 -3.08 -0.53
O2 EDO P . -18.71 -3.80 0.69
C1 EDO Q . -30.27 3.49 16.35
O1 EDO Q . -30.72 3.59 17.71
C2 EDO Q . -30.80 4.65 15.53
O2 EDO Q . -29.96 5.80 15.76
C1 EDO R . -28.77 -9.23 8.96
O1 EDO R . -28.75 -10.20 10.01
C2 EDO R . -27.95 -9.74 7.79
O2 EDO R . -26.68 -10.20 8.27
C1 EDO S . 6.91 20.05 2.94
O1 EDO S . 6.93 20.75 4.18
C2 EDO S . 7.90 18.90 3.04
O2 EDO S . 9.22 19.44 3.15
C1 EOH T . -5.96 -8.71 10.04
C2 EOH T . -5.92 -8.98 11.54
O EOH T . -6.22 -7.36 9.73
C1 EOH U . -20.10 -16.76 4.76
C2 EOH U . -20.56 -16.01 6.01
O EOH U . -18.72 -16.80 4.42
C1 EOH V . -19.02 25.01 11.01
C2 EOH V . -20.52 25.20 11.05
O EOH V . -18.66 23.71 10.60
C1 EOH W . 5.85 18.62 10.95
C2 EOH W . 4.48 19.25 11.09
O EOH W . 6.89 19.58 10.91
C1 EOH X . -8.73 32.52 27.42
C2 EOH X . -9.85 33.00 28.32
O EOH X . -9.06 32.54 26.05
C1 EOH Y . -31.89 13.64 -8.02
C2 EOH Y . -32.69 12.48 -7.44
O EOH Y . -30.95 14.16 -7.13
C1 EOH Z . -14.19 24.36 8.65
C2 EOH Z . -14.45 25.36 9.77
O EOH Z . -12.92 23.78 8.74
#